data_2LLD
#
_entry.id   2LLD
#
_entity_poly.entity_id   1
_entity_poly.type   'polypeptide(L)'
_entity_poly.pdbx_seq_one_letter_code
;ATCDLLSGTGVKHSACAAHCLLRGNRGGYCNGRAICVCRN
;
_entity_poly.pdbx_strand_id   A
#
# COMPACT_ATOMS: atom_id res chain seq x y z
N ALA A 1 0.87 6.49 -3.45
CA ALA A 1 0.23 6.22 -2.12
C ALA A 1 1.29 5.90 -1.10
N THR A 2 0.91 5.58 0.14
CA THR A 2 1.90 5.26 1.18
C THR A 2 1.70 3.83 1.69
N CYS A 3 2.74 3.32 2.33
CA CYS A 3 2.78 1.98 2.93
C CYS A 3 2.71 2.14 4.46
N ASP A 4 2.66 3.39 4.91
CA ASP A 4 2.64 3.70 6.35
C ASP A 4 1.41 3.22 7.07
N LEU A 5 1.57 3.00 8.37
CA LEU A 5 0.47 2.70 9.28
C LEU A 5 0.28 3.91 10.17
N LEU A 6 0.32 5.04 9.49
CA LEU A 6 0.19 6.35 10.13
C LEU A 6 -1.23 6.54 10.62
N SER A 7 -2.14 5.90 9.89
CA SER A 7 -3.57 6.01 10.16
C SER A 7 -4.09 5.08 11.24
N GLY A 8 -3.20 4.45 11.98
CA GLY A 8 -3.63 3.44 12.91
C GLY A 8 -3.44 2.15 12.17
N THR A 9 -4.56 1.46 12.00
CA THR A 9 -4.61 0.22 11.28
C THR A 9 -3.95 0.25 9.91
N GLY A 10 -3.63 -0.95 9.47
CA GLY A 10 -2.80 -1.12 8.29
C GLY A 10 -1.38 -1.49 8.68
N VAL A 11 -1.22 -1.87 9.94
CA VAL A 11 0.07 -2.25 10.51
C VAL A 11 0.77 -3.31 9.69
N LYS A 12 -0.01 -4.22 9.16
CA LYS A 12 0.49 -5.17 8.19
C LYS A 12 0.66 -4.38 6.90
N HIS A 13 1.90 -4.21 6.46
CA HIS A 13 2.22 -3.40 5.26
C HIS A 13 1.57 -3.86 3.95
N SER A 14 0.93 -5.01 3.98
CA SER A 14 0.12 -5.48 2.87
C SER A 14 -1.06 -4.56 2.60
N ALA A 15 -1.32 -3.67 3.54
CA ALA A 15 -2.35 -2.65 3.43
C ALA A 15 -2.13 -1.77 2.19
N CYS A 16 -0.89 -1.57 1.80
CA CYS A 16 -0.58 -0.79 0.59
C CYS A 16 -1.15 -1.47 -0.65
N ALA A 17 -0.93 -2.77 -0.71
CA ALA A 17 -1.41 -3.55 -1.84
C ALA A 17 -2.93 -3.52 -1.87
N ALA A 18 -3.52 -3.62 -0.69
CA ALA A 18 -4.97 -3.59 -0.56
C ALA A 18 -5.53 -2.22 -0.96
N HIS A 19 -4.82 -1.16 -0.63
CA HIS A 19 -5.26 0.17 -0.97
C HIS A 19 -5.33 0.33 -2.49
N CYS A 20 -4.41 -0.31 -3.18
CA CYS A 20 -4.42 -0.29 -4.64
C CYS A 20 -5.55 -1.16 -5.18
N LEU A 21 -5.75 -2.33 -4.59
CA LEU A 21 -6.82 -3.25 -4.99
C LEU A 21 -8.19 -2.57 -4.86
N LEU A 22 -8.34 -1.73 -3.85
CA LEU A 22 -9.58 -0.97 -3.62
C LEU A 22 -9.86 0.07 -4.72
N ARG A 23 -8.91 0.30 -5.62
CA ARG A 23 -9.11 1.22 -6.74
C ARG A 23 -9.26 0.45 -8.03
N GLY A 24 -9.36 -0.87 -7.94
CA GLY A 24 -9.46 -1.71 -9.12
C GLY A 24 -8.12 -2.02 -9.75
N ASN A 25 -7.03 -1.65 -9.08
CA ASN A 25 -5.69 -1.96 -9.59
C ASN A 25 -5.40 -3.41 -9.24
N ARG A 26 -4.43 -4.00 -9.93
CA ARG A 26 -4.00 -5.38 -9.68
C ARG A 26 -3.35 -5.57 -8.31
N GLY A 27 -3.02 -4.49 -7.64
CA GLY A 27 -2.44 -4.57 -6.29
C GLY A 27 -1.32 -3.56 -6.24
N GLY A 28 -0.44 -3.65 -5.25
CA GLY A 28 0.68 -2.73 -5.16
C GLY A 28 1.83 -3.32 -4.36
N TYR A 29 2.96 -2.64 -4.31
CA TYR A 29 4.10 -3.07 -3.52
C TYR A 29 4.68 -1.85 -2.81
N CYS A 30 5.46 -2.06 -1.76
CA CYS A 30 6.07 -0.95 -1.03
C CYS A 30 7.53 -0.78 -1.39
N ASN A 31 7.93 0.47 -1.62
CA ASN A 31 9.33 0.82 -1.81
C ASN A 31 9.95 0.92 -0.42
N GLY A 32 11.27 0.90 -0.36
CA GLY A 32 11.98 1.03 0.91
C GLY A 32 11.86 2.39 1.61
N ARG A 33 11.11 3.31 1.01
CA ARG A 33 10.87 4.62 1.59
C ARG A 33 9.40 4.77 2.00
N ALA A 34 8.75 3.63 2.20
CA ALA A 34 7.35 3.53 2.65
C ALA A 34 6.39 4.14 1.66
N ILE A 35 6.81 4.16 0.42
CA ILE A 35 5.95 4.62 -0.67
C ILE A 35 5.29 3.39 -1.23
N CYS A 36 4.03 3.52 -1.58
CA CYS A 36 3.25 2.43 -2.16
C CYS A 36 3.09 2.66 -3.64
N VAL A 37 3.42 1.65 -4.44
CA VAL A 37 3.42 1.74 -5.88
C VAL A 37 2.43 0.72 -6.38
N CYS A 38 1.28 1.23 -6.79
CA CYS A 38 0.23 0.40 -7.35
C CYS A 38 0.62 -0.10 -8.73
N ARG A 39 0.11 -1.27 -9.08
CA ARG A 39 0.24 -1.82 -10.42
C ARG A 39 -0.91 -1.20 -11.19
N ASN A 40 -0.99 -1.46 -12.49
CA ASN A 40 -2.11 -1.01 -13.29
C ASN A 40 -3.40 -1.57 -12.70
N ALA A 1 1.07 7.22 -2.79
CA ALA A 1 0.45 6.58 -1.58
C ALA A 1 1.53 6.09 -0.64
N THR A 2 1.19 5.74 0.59
CA THR A 2 2.19 5.32 1.58
C THR A 2 1.97 3.87 2.04
N CYS A 3 3.00 3.31 2.64
CA CYS A 3 3.01 1.96 3.19
C CYS A 3 3.03 2.07 4.72
N ASP A 4 2.95 3.29 5.23
CA ASP A 4 3.02 3.57 6.67
C ASP A 4 1.84 2.99 7.45
N LEU A 5 2.09 2.77 8.72
CA LEU A 5 1.05 2.39 9.67
C LEU A 5 0.90 3.57 10.63
N LEU A 6 0.86 4.73 10.01
CA LEU A 6 0.79 6.02 10.70
C LEU A 6 -0.59 6.15 11.33
N SER A 7 -1.56 5.56 10.67
CA SER A 7 -2.96 5.65 11.09
C SER A 7 -3.38 4.67 12.15
N GLY A 8 -2.43 4.00 12.76
CA GLY A 8 -2.79 2.92 13.64
C GLY A 8 -2.69 1.70 12.76
N THR A 9 -3.82 1.03 12.66
CA THR A 9 -3.95 -0.16 11.85
C THR A 9 -3.42 -0.01 10.43
N GLY A 10 -3.15 -1.17 9.87
CA GLY A 10 -2.43 -1.27 8.61
C GLY A 10 -0.98 -1.67 8.88
N VAL A 11 -0.73 -2.14 10.10
CA VAL A 11 0.59 -2.59 10.54
C VAL A 11 1.13 -3.67 9.61
N LYS A 12 0.22 -4.50 9.11
CA LYS A 12 0.55 -5.44 8.06
C LYS A 12 0.70 -4.58 6.80
N HIS A 13 1.93 -4.45 6.31
CA HIS A 13 2.23 -3.60 5.15
C HIS A 13 1.53 -4.00 3.85
N SER A 14 0.84 -5.13 3.89
CA SER A 14 -0.03 -5.56 2.80
C SER A 14 -1.20 -4.60 2.59
N ALA A 15 -1.39 -3.71 3.56
CA ALA A 15 -2.40 -2.68 3.50
C ALA A 15 -2.20 -1.79 2.26
N CYS A 16 -0.96 -1.55 1.87
CA CYS A 16 -0.67 -0.77 0.67
C CYS A 16 -1.22 -1.47 -0.56
N ALA A 17 -0.98 -2.76 -0.64
CA ALA A 17 -1.44 -3.55 -1.77
C ALA A 17 -2.95 -3.53 -1.82
N ALA A 18 -3.56 -3.64 -0.66
CA ALA A 18 -5.01 -3.62 -0.55
C ALA A 18 -5.59 -2.28 -0.95
N HIS A 19 -4.90 -1.21 -0.59
CA HIS A 19 -5.36 0.12 -0.94
C HIS A 19 -5.42 0.29 -2.46
N CYS A 20 -4.47 -0.32 -3.14
CA CYS A 20 -4.45 -0.28 -4.60
C CYS A 20 -5.55 -1.18 -5.17
N LEU A 21 -5.74 -2.36 -4.58
CA LEU A 21 -6.79 -3.29 -5.01
C LEU A 21 -8.16 -2.62 -4.91
N LEU A 22 -8.36 -1.80 -3.89
CA LEU A 22 -9.61 -1.06 -3.70
C LEU A 22 -9.88 -0.01 -4.78
N ARG A 23 -8.87 0.33 -5.57
CA ARG A 23 -9.05 1.25 -6.70
C ARG A 23 -9.29 0.48 -7.99
N GLY A 24 -9.37 -0.84 -7.89
CA GLY A 24 -9.50 -1.68 -9.06
C GLY A 24 -8.17 -1.99 -9.72
N ASN A 25 -7.07 -1.69 -9.05
CA ASN A 25 -5.74 -2.00 -9.58
C ASN A 25 -5.45 -3.46 -9.27
N ARG A 26 -4.45 -4.01 -9.95
CA ARG A 26 -3.99 -5.38 -9.73
C ARG A 26 -3.37 -5.56 -8.34
N GLY A 27 -3.01 -4.47 -7.68
CA GLY A 27 -2.46 -4.55 -6.34
C GLY A 27 -1.36 -3.53 -6.23
N GLY A 28 -0.51 -3.61 -5.22
CA GLY A 28 0.60 -2.67 -5.07
C GLY A 28 1.73 -3.28 -4.29
N TYR A 29 2.88 -2.61 -4.25
CA TYR A 29 4.02 -3.06 -3.49
C TYR A 29 4.63 -1.85 -2.76
N CYS A 30 5.42 -2.09 -1.74
CA CYS A 30 6.06 -1.00 -1.00
C CYS A 30 7.52 -0.85 -1.38
N ASN A 31 7.95 0.37 -1.57
CA ASN A 31 9.36 0.70 -1.78
C ASN A 31 10.00 0.84 -0.41
N GLY A 32 11.32 0.78 -0.35
CA GLY A 32 12.05 0.94 0.90
C GLY A 32 11.99 2.33 1.54
N ARG A 33 11.23 3.24 0.94
CA ARG A 33 11.01 4.56 1.48
C ARG A 33 9.58 4.71 2.02
N ALA A 34 8.95 3.56 2.27
CA ALA A 34 7.58 3.47 2.78
C ALA A 34 6.58 4.09 1.82
N ILE A 35 6.94 4.07 0.56
CA ILE A 35 6.06 4.55 -0.50
C ILE A 35 5.35 3.34 -1.05
N CYS A 36 4.09 3.52 -1.38
CA CYS A 36 3.25 2.46 -1.94
C CYS A 36 3.10 2.71 -3.43
N VAL A 37 3.38 1.70 -4.23
CA VAL A 37 3.38 1.81 -5.67
C VAL A 37 2.38 0.81 -6.21
N CYS A 38 1.25 1.33 -6.61
CA CYS A 38 0.19 0.52 -7.20
C CYS A 38 0.61 0.06 -8.59
N ARG A 39 0.11 -1.11 -8.97
CA ARG A 39 0.27 -1.63 -10.31
C ARG A 39 -0.91 -1.09 -11.09
N ASN A 40 -0.96 -1.33 -12.39
CA ASN A 40 -2.10 -0.92 -13.20
C ASN A 40 -3.37 -1.52 -12.62
N ALA A 1 0.94 7.14 -2.54
CA ALA A 1 0.41 6.65 -1.23
C ALA A 1 1.55 6.15 -0.37
N THR A 2 1.30 5.82 0.89
CA THR A 2 2.36 5.36 1.78
C THR A 2 2.16 3.92 2.23
N CYS A 3 3.25 3.31 2.67
CA CYS A 3 3.28 1.97 3.23
C CYS A 3 3.55 2.08 4.74
N ASP A 4 3.68 3.30 5.23
CA ASP A 4 3.99 3.57 6.64
C ASP A 4 2.93 3.09 7.60
N LEU A 5 3.36 2.83 8.83
CA LEU A 5 2.45 2.52 9.93
C LEU A 5 2.29 3.81 10.75
N LEU A 6 2.09 4.87 10.00
CA LEU A 6 1.98 6.23 10.54
C LEU A 6 0.62 6.40 11.19
N SER A 7 -0.35 5.73 10.61
CA SER A 7 -1.74 5.83 11.04
C SER A 7 -2.12 4.89 12.15
N GLY A 8 -1.13 4.26 12.75
CA GLY A 8 -1.45 3.15 13.62
C GLY A 8 -1.32 1.98 12.68
N THR A 9 -2.42 1.27 12.57
CA THR A 9 -2.52 0.12 11.69
C THR A 9 -2.02 0.36 10.28
N GLY A 10 -1.69 -0.76 9.67
CA GLY A 10 -0.95 -0.78 8.42
C GLY A 10 0.41 -1.39 8.66
N VAL A 11 0.63 -1.82 9.90
CA VAL A 11 1.87 -2.51 10.30
C VAL A 11 2.06 -3.73 9.42
N LYS A 12 0.97 -4.37 9.10
CA LYS A 12 0.94 -5.39 8.08
C LYS A 12 0.93 -4.60 6.77
N HIS A 13 2.10 -4.48 6.16
CA HIS A 13 2.29 -3.65 4.96
C HIS A 13 1.48 -4.06 3.73
N SER A 14 0.76 -5.16 3.83
CA SER A 14 -0.19 -5.57 2.81
C SER A 14 -1.32 -4.56 2.64
N ALA A 15 -1.45 -3.69 3.62
CA ALA A 15 -2.43 -2.63 3.60
C ALA A 15 -2.26 -1.73 2.37
N CYS A 16 -1.01 -1.47 1.99
CA CYS A 16 -0.74 -0.69 0.79
C CYS A 16 -1.27 -1.36 -0.45
N ALA A 17 -1.04 -2.65 -0.53
CA ALA A 17 -1.49 -3.44 -1.67
C ALA A 17 -3.00 -3.42 -1.74
N ALA A 18 -3.64 -3.54 -0.59
CA ALA A 18 -5.09 -3.52 -0.50
C ALA A 18 -5.65 -2.17 -0.92
N HIS A 19 -4.96 -1.10 -0.57
CA HIS A 19 -5.41 0.23 -0.91
C HIS A 19 -5.45 0.42 -2.43
N CYS A 20 -4.56 -0.27 -3.12
CA CYS A 20 -4.54 -0.25 -4.58
C CYS A 20 -5.60 -1.17 -5.17
N LEU A 21 -5.78 -2.34 -4.57
CA LEU A 21 -6.79 -3.31 -5.01
C LEU A 21 -8.19 -2.68 -4.96
N LEU A 22 -8.41 -1.82 -3.97
CA LEU A 22 -9.68 -1.10 -3.81
C LEU A 22 -9.98 -0.12 -4.95
N ARG A 23 -9.00 0.12 -5.83
CA ARG A 23 -9.20 1.00 -6.99
C ARG A 23 -9.33 0.18 -8.26
N GLY A 24 -9.38 -1.14 -8.12
CA GLY A 24 -9.42 -2.01 -9.28
C GLY A 24 -8.04 -2.29 -9.87
N ASN A 25 -6.99 -1.85 -9.18
CA ASN A 25 -5.63 -2.13 -9.65
C ASN A 25 -5.31 -3.57 -9.29
N ARG A 26 -4.28 -4.11 -9.95
CA ARG A 26 -3.80 -5.47 -9.69
C ARG A 26 -3.23 -5.62 -8.28
N GLY A 27 -2.93 -4.51 -7.62
CA GLY A 27 -2.44 -4.53 -6.26
C GLY A 27 -1.38 -3.48 -6.14
N GLY A 28 -0.57 -3.51 -5.08
CA GLY A 28 0.50 -2.53 -4.92
C GLY A 28 1.68 -3.16 -4.23
N TYR A 29 2.82 -2.48 -4.23
CA TYR A 29 4.00 -2.95 -3.56
C TYR A 29 4.63 -1.77 -2.85
N CYS A 30 5.49 -2.04 -1.87
CA CYS A 30 6.13 -0.97 -1.11
C CYS A 30 7.60 -0.82 -1.51
N ASN A 31 8.01 0.40 -1.77
CA ASN A 31 9.41 0.72 -2.04
C ASN A 31 10.13 0.75 -0.71
N GLY A 32 11.45 0.68 -0.74
CA GLY A 32 12.25 0.73 0.49
C GLY A 32 12.21 2.05 1.24
N ARG A 33 11.47 3.03 0.73
CA ARG A 33 11.26 4.31 1.39
C ARG A 33 9.84 4.43 1.93
N ALA A 34 9.20 3.28 2.09
CA ALA A 34 7.84 3.16 2.65
C ALA A 34 6.82 3.89 1.78
N ILE A 35 7.12 3.93 0.49
CA ILE A 35 6.18 4.50 -0.48
C ILE A 35 5.40 3.34 -1.05
N CYS A 36 4.13 3.56 -1.27
CA CYS A 36 3.23 2.56 -1.82
C CYS A 36 3.05 2.84 -3.31
N VAL A 37 3.29 1.85 -4.14
CA VAL A 37 3.25 2.00 -5.58
C VAL A 37 2.28 0.97 -6.11
N CYS A 38 1.14 1.46 -6.53
CA CYS A 38 0.11 0.61 -7.13
C CYS A 38 0.58 0.11 -8.49
N ARG A 39 0.12 -1.07 -8.85
CA ARG A 39 0.35 -1.63 -10.18
C ARG A 39 -0.80 -1.10 -11.02
N ASN A 40 -0.79 -1.38 -12.31
CA ASN A 40 -1.89 -1.01 -13.18
C ASN A 40 -3.18 -1.63 -12.65
N ALA A 1 1.12 6.97 -3.05
CA ALA A 1 0.46 6.47 -1.80
C ALA A 1 1.53 6.03 -0.82
N THR A 2 1.15 5.71 0.42
CA THR A 2 2.11 5.30 1.44
C THR A 2 1.90 3.85 1.88
N CYS A 3 2.92 3.30 2.52
CA CYS A 3 2.92 1.95 3.05
C CYS A 3 2.87 2.02 4.59
N ASP A 4 2.80 3.24 5.11
CA ASP A 4 2.80 3.48 6.55
C ASP A 4 1.59 2.93 7.27
N LEU A 5 1.78 2.64 8.56
CA LEU A 5 0.70 2.24 9.46
C LEU A 5 0.54 3.37 10.46
N LEU A 6 0.54 4.57 9.91
CA LEU A 6 0.42 5.80 10.69
C LEU A 6 -0.99 5.89 11.22
N SER A 7 -1.90 5.30 10.45
CA SER A 7 -3.33 5.34 10.75
C SER A 7 -3.81 4.39 11.83
N GLY A 8 -2.89 3.79 12.55
CA GLY A 8 -3.29 2.74 13.46
C GLY A 8 -3.20 1.51 12.62
N THR A 9 -4.34 0.85 12.53
CA THR A 9 -4.50 -0.34 11.75
C THR A 9 -3.98 -0.25 10.33
N GLY A 10 -3.71 -1.43 9.79
CA GLY A 10 -2.97 -1.55 8.55
C GLY A 10 -1.51 -1.88 8.84
N VAL A 11 -1.27 -2.30 10.08
CA VAL A 11 0.07 -2.65 10.58
C VAL A 11 0.82 -3.60 9.67
N LYS A 12 0.09 -4.54 9.09
CA LYS A 12 0.66 -5.41 8.09
C LYS A 12 0.77 -4.59 6.81
N HIS A 13 1.99 -4.42 6.31
CA HIS A 13 2.28 -3.59 5.12
C HIS A 13 1.55 -4.01 3.84
N SER A 14 0.87 -5.14 3.89
CA SER A 14 -0.01 -5.58 2.80
C SER A 14 -1.16 -4.60 2.58
N ALA A 15 -1.36 -3.72 3.56
CA ALA A 15 -2.35 -2.66 3.48
C ALA A 15 -2.15 -1.78 2.24
N CYS A 16 -0.91 -1.58 1.84
CA CYS A 16 -0.60 -0.81 0.64
C CYS A 16 -1.18 -1.48 -0.59
N ALA A 17 -0.98 -2.77 -0.67
CA ALA A 17 -1.46 -3.55 -1.80
C ALA A 17 -2.97 -3.51 -1.84
N ALA A 18 -3.57 -3.60 -0.66
CA ALA A 18 -5.02 -3.55 -0.53
C ALA A 18 -5.57 -2.18 -0.95
N HIS A 19 -4.85 -1.13 -0.60
CA HIS A 19 -5.27 0.21 -0.96
C HIS A 19 -5.35 0.37 -2.47
N CYS A 20 -4.46 -0.29 -3.17
CA CYS A 20 -4.46 -0.28 -4.63
C CYS A 20 -5.58 -1.16 -5.17
N LEU A 21 -5.76 -2.33 -4.58
CA LEU A 21 -6.83 -3.26 -4.97
C LEU A 21 -8.20 -2.60 -4.85
N LEU A 22 -8.36 -1.75 -3.85
CA LEU A 22 -9.62 -1.00 -3.63
C LEU A 22 -9.91 0.02 -4.74
N ARG A 23 -8.96 0.28 -5.62
CA ARG A 23 -9.18 1.16 -6.77
C ARG A 23 -9.39 0.35 -8.04
N GLY A 24 -9.46 -0.96 -7.89
CA GLY A 24 -9.57 -1.84 -9.04
C GLY A 24 -8.23 -2.13 -9.69
N ASN A 25 -7.14 -1.75 -9.04
CA ASN A 25 -5.80 -2.04 -9.57
C ASN A 25 -5.48 -3.49 -9.25
N ARG A 26 -4.48 -4.04 -9.93
CA ARG A 26 -3.99 -5.40 -9.70
C ARG A 26 -3.38 -5.57 -8.32
N GLY A 27 -3.03 -4.48 -7.66
CA GLY A 27 -2.47 -4.55 -6.32
C GLY A 27 -1.34 -3.54 -6.25
N GLY A 28 -0.49 -3.62 -5.23
CA GLY A 28 0.64 -2.70 -5.12
C GLY A 28 1.77 -3.31 -4.33
N TYR A 29 2.93 -2.65 -4.29
CA TYR A 29 4.07 -3.09 -3.51
C TYR A 29 4.67 -1.88 -2.82
N CYS A 30 5.46 -2.10 -1.79
CA CYS A 30 6.09 -0.99 -1.07
C CYS A 30 7.56 -0.83 -1.43
N ASN A 31 7.98 0.41 -1.60
CA ASN A 31 9.39 0.76 -1.78
C ASN A 31 10.01 0.89 -0.40
N GLY A 32 11.33 0.86 -0.33
CA GLY A 32 12.03 1.00 0.94
C GLY A 32 11.94 2.38 1.59
N ARG A 33 11.19 3.29 1.00
CA ARG A 33 10.96 4.62 1.57
C ARG A 33 9.52 4.77 2.02
N ALA A 34 8.87 3.63 2.27
CA ALA A 34 7.48 3.54 2.74
C ALA A 34 6.50 4.14 1.75
N ILE A 35 6.91 4.11 0.50
CA ILE A 35 6.04 4.56 -0.60
C ILE A 35 5.35 3.33 -1.13
N CYS A 36 4.09 3.49 -1.48
CA CYS A 36 3.28 2.41 -2.04
C CYS A 36 3.13 2.66 -3.53
N VAL A 37 3.41 1.64 -4.33
CA VAL A 37 3.41 1.74 -5.77
C VAL A 37 2.40 0.75 -6.30
N CYS A 38 1.25 1.30 -6.68
CA CYS A 38 0.18 0.50 -7.25
C CYS A 38 0.56 0.05 -8.66
N ARG A 39 0.03 -1.10 -9.04
CA ARG A 39 0.15 -1.61 -10.40
C ARG A 39 -1.04 -1.03 -11.13
N ASN A 40 -1.13 -1.27 -12.44
CA ASN A 40 -2.28 -0.85 -13.21
C ASN A 40 -3.52 -1.49 -12.63
N ALA A 1 0.47 6.91 -2.86
CA ALA A 1 -0.05 6.32 -1.59
C ALA A 1 1.12 5.91 -0.71
N THR A 2 0.88 5.59 0.55
CA THR A 2 1.95 5.23 1.48
C THR A 2 1.80 3.79 1.97
N CYS A 3 2.87 3.29 2.56
CA CYS A 3 2.94 1.96 3.14
C CYS A 3 2.96 2.09 4.67
N ASP A 4 2.90 3.32 5.15
CA ASP A 4 2.93 3.62 6.58
C ASP A 4 1.73 3.06 7.32
N LEU A 5 1.93 2.78 8.60
CA LEU A 5 0.86 2.39 9.51
C LEU A 5 0.57 3.59 10.40
N LEU A 6 0.51 4.73 9.72
CA LEU A 6 0.26 6.02 10.35
C LEU A 6 -1.20 6.10 10.77
N SER A 7 -2.02 5.39 10.02
CA SER A 7 -3.47 5.40 10.23
C SER A 7 -3.96 4.46 11.31
N GLY A 8 -3.04 3.90 12.08
CA GLY A 8 -3.44 2.88 13.01
C GLY A 8 -3.19 1.62 12.24
N THR A 9 -4.25 0.86 12.08
CA THR A 9 -4.25 -0.36 11.32
C THR A 9 -3.61 -0.25 9.96
N GLY A 10 -3.22 -1.41 9.48
CA GLY A 10 -2.41 -1.51 8.27
C GLY A 10 -0.96 -1.80 8.60
N VAL A 11 -0.73 -2.22 9.85
CA VAL A 11 0.61 -2.56 10.34
C VAL A 11 1.28 -3.61 9.45
N LYS A 12 0.47 -4.53 8.97
CA LYS A 12 0.93 -5.45 7.95
C LYS A 12 0.97 -4.64 6.66
N HIS A 13 2.17 -4.48 6.11
CA HIS A 13 2.39 -3.65 4.92
C HIS A 13 1.64 -4.07 3.65
N SER A 14 0.96 -5.20 3.73
CA SER A 14 0.06 -5.64 2.67
C SER A 14 -1.12 -4.68 2.48
N ALA A 15 -1.30 -3.81 3.47
CA ALA A 15 -2.31 -2.77 3.42
C ALA A 15 -2.15 -1.85 2.21
N CYS A 16 -0.90 -1.62 1.80
CA CYS A 16 -0.63 -0.80 0.63
C CYS A 16 -1.20 -1.46 -0.61
N ALA A 17 -0.98 -2.76 -0.71
CA ALA A 17 -1.46 -3.53 -1.83
C ALA A 17 -2.97 -3.51 -1.87
N ALA A 18 -3.56 -3.63 -0.69
CA ALA A 18 -5.01 -3.61 -0.55
C ALA A 18 -5.58 -2.25 -0.95
N HIS A 19 -4.89 -1.19 -0.60
CA HIS A 19 -5.34 0.15 -0.93
C HIS A 19 -5.38 0.33 -2.45
N CYS A 20 -4.45 -0.30 -3.14
CA CYS A 20 -4.43 -0.26 -4.59
C CYS A 20 -5.54 -1.14 -5.17
N LEU A 21 -5.74 -2.31 -4.58
CA LEU A 21 -6.82 -3.22 -5.00
C LEU A 21 -8.18 -2.54 -4.90
N LEU A 22 -8.36 -1.71 -3.89
CA LEU A 22 -9.60 -0.95 -3.70
C LEU A 22 -9.86 0.07 -4.81
N ARG A 23 -8.83 0.45 -5.55
CA ARG A 23 -8.98 1.37 -6.70
C ARG A 23 -9.25 0.59 -7.97
N GLY A 24 -9.35 -0.72 -7.87
CA GLY A 24 -9.52 -1.56 -9.04
C GLY A 24 -8.20 -1.91 -9.71
N ASN A 25 -7.08 -1.66 -9.05
CA ASN A 25 -5.76 -2.02 -9.59
C ASN A 25 -5.48 -3.47 -9.24
N ARG A 26 -4.50 -4.06 -9.90
CA ARG A 26 -4.06 -5.42 -9.65
C ARG A 26 -3.45 -5.60 -8.26
N GLY A 27 -3.05 -4.50 -7.63
CA GLY A 27 -2.48 -4.55 -6.29
C GLY A 27 -1.36 -3.56 -6.23
N GLY A 28 -0.50 -3.63 -5.22
CA GLY A 28 0.62 -2.69 -5.11
C GLY A 28 1.77 -3.30 -4.32
N TYR A 29 2.90 -2.62 -4.29
CA TYR A 29 4.05 -3.06 -3.51
C TYR A 29 4.64 -1.85 -2.81
N CYS A 30 5.43 -2.06 -1.76
CA CYS A 30 6.05 -0.95 -1.05
C CYS A 30 7.51 -0.80 -1.44
N ASN A 31 7.92 0.45 -1.65
CA ASN A 31 9.32 0.79 -1.87
C ASN A 31 9.97 0.89 -0.49
N GLY A 32 11.30 0.86 -0.45
CA GLY A 32 12.03 0.98 0.80
C GLY A 32 11.95 2.34 1.49
N ARG A 33 11.18 3.27 0.93
CA ARG A 33 10.95 4.57 1.52
C ARG A 33 9.52 4.69 2.03
N ALA A 34 8.89 3.53 2.24
CA ALA A 34 7.52 3.41 2.75
C ALA A 34 6.50 4.05 1.82
N ILE A 35 6.85 4.07 0.55
CA ILE A 35 5.95 4.58 -0.48
C ILE A 35 5.27 3.37 -1.09
N CYS A 36 4.00 3.53 -1.42
CA CYS A 36 3.21 2.46 -2.01
C CYS A 36 3.09 2.70 -3.50
N VAL A 37 3.38 1.67 -4.30
CA VAL A 37 3.41 1.77 -5.74
C VAL A 37 2.41 0.77 -6.27
N CYS A 38 1.28 1.29 -6.69
CA CYS A 38 0.23 0.47 -7.25
C CYS A 38 0.63 -0.03 -8.63
N ARG A 39 0.12 -1.19 -9.00
CA ARG A 39 0.30 -1.76 -10.32
C ARG A 39 -0.89 -1.24 -11.12
N ASN A 40 -0.92 -1.53 -12.41
CA ASN A 40 -2.04 -1.13 -13.25
C ASN A 40 -3.34 -1.64 -12.66
N ALA A 1 0.94 7.16 -2.57
CA ALA A 1 0.37 6.68 -1.27
C ALA A 1 1.50 6.17 -0.38
N THR A 2 1.21 5.86 0.87
CA THR A 2 2.24 5.40 1.81
C THR A 2 2.04 3.93 2.20
N CYS A 3 3.13 3.34 2.67
CA CYS A 3 3.14 1.97 3.20
C CYS A 3 3.32 2.02 4.73
N ASP A 4 3.37 3.22 5.27
CA ASP A 4 3.61 3.43 6.71
C ASP A 4 2.53 2.86 7.60
N LEU A 5 2.93 2.53 8.82
CA LEU A 5 2.02 2.09 9.87
C LEU A 5 2.06 3.12 10.98
N LEU A 6 2.01 4.36 10.51
CA LEU A 6 2.09 5.53 11.37
C LEU A 6 0.75 5.74 12.05
N SER A 7 -0.29 5.38 11.33
CA SER A 7 -1.67 5.59 11.76
C SER A 7 -2.23 4.49 12.63
N GLY A 8 -1.38 3.61 13.10
CA GLY A 8 -1.88 2.41 13.72
C GLY A 8 -1.74 1.35 12.67
N THR A 9 -2.86 0.75 12.34
CA THR A 9 -2.93 -0.30 11.36
C THR A 9 -2.23 -0.03 10.04
N GLY A 10 -1.94 -1.13 9.39
CA GLY A 10 -1.07 -1.14 8.22
C GLY A 10 0.27 -1.76 8.54
N VAL A 11 0.35 -2.31 9.76
CA VAL A 11 1.55 -2.98 10.26
C VAL A 11 1.95 -4.09 9.30
N LYS A 12 0.95 -4.81 8.84
CA LYS A 12 1.13 -5.73 7.75
C LYS A 12 1.10 -4.85 6.50
N HIS A 13 2.25 -4.69 5.87
CA HIS A 13 2.40 -3.80 4.71
C HIS A 13 1.56 -4.16 3.48
N SER A 14 0.86 -5.28 3.56
CA SER A 14 -0.10 -5.66 2.54
C SER A 14 -1.25 -4.67 2.43
N ALA A 15 -1.38 -3.82 3.43
CA ALA A 15 -2.36 -2.76 3.45
C ALA A 15 -2.21 -1.82 2.26
N CYS A 16 -0.97 -1.55 1.86
CA CYS A 16 -0.70 -0.72 0.69
C CYS A 16 -1.26 -1.37 -0.56
N ALA A 17 -1.02 -2.66 -0.67
CA ALA A 17 -1.48 -3.42 -1.82
C ALA A 17 -3.00 -3.41 -1.87
N ALA A 18 -3.60 -3.54 -0.70
CA ALA A 18 -5.06 -3.54 -0.58
C ALA A 18 -5.64 -2.19 -0.97
N HIS A 19 -4.94 -1.11 -0.62
CA HIS A 19 -5.39 0.22 -0.94
C HIS A 19 -5.46 0.41 -2.46
N CYS A 20 -4.56 -0.25 -3.17
CA CYS A 20 -4.56 -0.22 -4.62
C CYS A 20 -5.63 -1.14 -5.19
N LEU A 21 -5.79 -2.31 -4.59
CA LEU A 21 -6.82 -3.28 -5.01
C LEU A 21 -8.22 -2.65 -4.92
N LEU A 22 -8.42 -1.79 -3.92
CA LEU A 22 -9.69 -1.09 -3.73
C LEU A 22 -10.00 -0.09 -4.86
N ARG A 23 -9.03 0.19 -5.73
CA ARG A 23 -9.25 1.06 -6.88
C ARG A 23 -9.41 0.24 -8.16
N GLY A 24 -9.44 -1.07 -8.01
CA GLY A 24 -9.50 -1.95 -9.16
C GLY A 24 -8.15 -2.23 -9.78
N ASN A 25 -7.08 -1.81 -9.11
CA ASN A 25 -5.72 -2.10 -9.60
C ASN A 25 -5.39 -3.54 -9.23
N ARG A 26 -4.38 -4.08 -9.88
CA ARG A 26 -3.90 -5.45 -9.62
C ARG A 26 -3.30 -5.59 -8.22
N GLY A 27 -2.95 -4.47 -7.59
CA GLY A 27 -2.39 -4.53 -6.25
C GLY A 27 -1.32 -3.46 -6.17
N GLY A 28 -0.46 -3.50 -5.16
CA GLY A 28 0.60 -2.53 -5.04
C GLY A 28 1.77 -3.13 -4.30
N TYR A 29 2.91 -2.45 -4.29
CA TYR A 29 4.09 -2.91 -3.59
C TYR A 29 4.69 -1.73 -2.86
N CYS A 30 5.52 -1.99 -1.87
CA CYS A 30 6.14 -0.92 -1.09
C CYS A 30 7.61 -0.75 -1.43
N ASN A 31 8.02 0.49 -1.62
CA ASN A 31 9.43 0.84 -1.78
C ASN A 31 10.04 0.83 -0.39
N GLY A 32 11.36 0.73 -0.32
CA GLY A 32 12.05 0.80 0.96
C GLY A 32 12.00 2.17 1.63
N ARG A 33 11.34 3.13 0.99
CA ARG A 33 11.15 4.46 1.51
C ARG A 33 9.72 4.65 2.02
N ALA A 34 9.04 3.52 2.23
CA ALA A 34 7.68 3.45 2.76
C ALA A 34 6.68 4.10 1.83
N ILE A 35 7.01 4.09 0.55
CA ILE A 35 6.11 4.59 -0.47
C ILE A 35 5.36 3.40 -1.03
N CYS A 36 4.09 3.60 -1.31
CA CYS A 36 3.22 2.58 -1.87
C CYS A 36 3.07 2.85 -3.36
N VAL A 37 3.34 1.86 -4.18
CA VAL A 37 3.32 1.99 -5.63
C VAL A 37 2.33 0.98 -6.17
N CYS A 38 1.19 1.49 -6.56
CA CYS A 38 0.14 0.66 -7.15
C CYS A 38 0.58 0.16 -8.51
N ARG A 39 0.08 -1.01 -8.88
CA ARG A 39 0.29 -1.59 -10.19
C ARG A 39 -0.89 -1.12 -11.02
N ASN A 40 -0.89 -1.43 -12.31
CA ASN A 40 -1.99 -1.09 -13.17
C ASN A 40 -3.28 -1.67 -12.62
N ALA A 1 1.06 7.00 -3.07
CA ALA A 1 0.43 6.45 -1.83
C ALA A 1 1.52 6.00 -0.86
N THR A 2 1.16 5.65 0.37
CA THR A 2 2.15 5.24 1.36
C THR A 2 1.93 3.80 1.84
N CYS A 3 2.99 3.24 2.41
CA CYS A 3 3.02 1.90 2.96
C CYS A 3 3.10 2.02 4.50
N ASP A 4 3.10 3.25 4.99
CA ASP A 4 3.25 3.53 6.42
C ASP A 4 2.13 2.96 7.28
N LEU A 5 2.47 2.73 8.54
CA LEU A 5 1.49 2.40 9.58
C LEU A 5 1.22 3.68 10.37
N LEU A 6 1.04 4.72 9.58
CA LEU A 6 0.82 6.08 10.08
C LEU A 6 -0.56 6.17 10.70
N SER A 7 -1.47 5.41 10.13
CA SER A 7 -2.87 5.45 10.52
C SER A 7 -3.24 4.53 11.65
N GLY A 8 -2.25 3.99 12.34
CA GLY A 8 -2.54 2.92 13.25
C GLY A 8 -2.23 1.72 12.40
N THR A 9 -3.23 0.89 12.22
CA THR A 9 -3.12 -0.27 11.39
C THR A 9 -2.54 -0.02 10.01
N GLY A 10 -2.03 -1.10 9.48
CA GLY A 10 -1.22 -1.08 8.27
C GLY A 10 0.18 -1.60 8.57
N VAL A 11 0.36 -2.06 9.80
CA VAL A 11 1.61 -2.69 10.25
C VAL A 11 1.88 -3.89 9.35
N LYS A 12 0.80 -4.56 8.99
CA LYS A 12 0.83 -5.55 7.93
C LYS A 12 0.88 -4.72 6.66
N HIS A 13 2.07 -4.57 6.09
CA HIS A 13 2.30 -3.71 4.92
C HIS A 13 1.55 -4.11 3.65
N SER A 14 0.83 -5.23 3.72
CA SER A 14 -0.09 -5.64 2.66
C SER A 14 -1.22 -4.63 2.48
N ALA A 15 -1.38 -3.76 3.48
CA ALA A 15 -2.34 -2.69 3.43
C ALA A 15 -2.14 -1.77 2.22
N CYS A 16 -0.89 -1.59 1.81
CA CYS A 16 -0.60 -0.78 0.63
C CYS A 16 -1.18 -1.43 -0.61
N ALA A 17 -0.98 -2.73 -0.70
CA ALA A 17 -1.47 -3.50 -1.83
C ALA A 17 -2.99 -3.45 -1.87
N ALA A 18 -3.59 -3.55 -0.69
CA ALA A 18 -5.03 -3.50 -0.56
C ALA A 18 -5.58 -2.14 -0.95
N HIS A 19 -4.86 -1.08 -0.61
CA HIS A 19 -5.27 0.26 -0.95
C HIS A 19 -5.36 0.43 -2.47
N CYS A 20 -4.47 -0.25 -3.18
CA CYS A 20 -4.48 -0.23 -4.63
C CYS A 20 -5.59 -1.12 -5.18
N LEU A 21 -5.79 -2.29 -4.57
CA LEU A 21 -6.84 -3.22 -4.97
C LEU A 21 -8.22 -2.55 -4.86
N LEU A 22 -8.38 -1.69 -3.86
CA LEU A 22 -9.64 -0.95 -3.67
C LEU A 22 -9.92 0.08 -4.77
N ARG A 23 -8.95 0.32 -5.64
CA ARG A 23 -9.15 1.23 -6.79
C ARG A 23 -9.36 0.41 -8.06
N GLY A 24 -9.44 -0.90 -7.92
CA GLY A 24 -9.55 -1.77 -9.08
C GLY A 24 -8.22 -2.09 -9.71
N ASN A 25 -7.12 -1.73 -9.05
CA ASN A 25 -5.79 -2.06 -9.57
C ASN A 25 -5.49 -3.51 -9.20
N ARG A 26 -4.49 -4.09 -9.86
CA ARG A 26 -4.05 -5.45 -9.59
C ARG A 26 -3.43 -5.61 -8.20
N GLY A 27 -3.05 -4.50 -7.58
CA GLY A 27 -2.48 -4.55 -6.23
C GLY A 27 -1.35 -3.54 -6.19
N GLY A 28 -0.49 -3.61 -5.19
CA GLY A 28 0.63 -2.69 -5.09
C GLY A 28 1.80 -3.30 -4.34
N TYR A 29 2.94 -2.63 -4.33
CA TYR A 29 4.10 -3.09 -3.60
C TYR A 29 4.72 -1.88 -2.90
N CYS A 30 5.55 -2.12 -1.89
CA CYS A 30 6.16 -1.03 -1.14
C CYS A 30 7.63 -0.85 -1.51
N ASN A 31 8.03 0.40 -1.67
CA ASN A 31 9.44 0.76 -1.88
C ASN A 31 10.09 0.83 -0.51
N GLY A 32 11.42 0.83 -0.48
CA GLY A 32 12.16 0.94 0.77
C GLY A 32 12.04 2.28 1.50
N ARG A 33 11.29 3.22 0.94
CA ARG A 33 11.02 4.50 1.57
C ARG A 33 9.57 4.57 2.06
N ALA A 34 8.96 3.40 2.22
CA ALA A 34 7.58 3.25 2.70
C ALA A 34 6.60 3.93 1.76
N ILE A 35 6.98 3.97 0.49
CA ILE A 35 6.09 4.50 -0.55
C ILE A 35 5.39 3.30 -1.13
N CYS A 36 4.14 3.48 -1.48
CA CYS A 36 3.31 2.42 -2.06
C CYS A 36 3.17 2.68 -3.56
N VAL A 37 3.44 1.66 -4.36
CA VAL A 37 3.42 1.77 -5.80
C VAL A 37 2.41 0.76 -6.31
N CYS A 38 1.27 1.28 -6.70
CA CYS A 38 0.21 0.47 -7.27
C CYS A 38 0.61 -0.04 -8.65
N ARG A 39 0.09 -1.20 -9.00
CA ARG A 39 0.24 -1.77 -10.32
C ARG A 39 -0.94 -1.24 -11.11
N ASN A 40 -0.99 -1.52 -12.41
CA ASN A 40 -2.12 -1.14 -13.23
C ASN A 40 -3.40 -1.69 -12.64
N ALA A 1 1.36 6.66 -3.48
CA ALA A 1 0.67 6.49 -2.16
C ALA A 1 1.69 6.15 -1.09
N THR A 2 1.27 5.88 0.14
CA THR A 2 2.20 5.54 1.21
C THR A 2 1.97 4.12 1.74
N CYS A 3 3.01 3.56 2.33
CA CYS A 3 3.00 2.23 2.94
C CYS A 3 3.05 2.40 4.47
N ASP A 4 2.94 3.64 4.93
CA ASP A 4 3.04 3.96 6.36
C ASP A 4 1.95 3.33 7.21
N LEU A 5 2.28 3.16 8.48
CA LEU A 5 1.31 2.74 9.50
C LEU A 5 1.06 3.97 10.37
N LEU A 6 0.88 5.07 9.67
CA LEU A 6 0.68 6.39 10.28
C LEU A 6 -0.67 6.43 10.96
N SER A 7 -1.60 5.71 10.36
CA SER A 7 -2.99 5.70 10.81
C SER A 7 -3.30 4.74 11.93
N GLY A 8 -2.28 4.18 12.55
CA GLY A 8 -2.52 3.10 13.46
C GLY A 8 -2.29 1.88 12.60
N THR A 9 -3.33 1.09 12.49
CA THR A 9 -3.33 -0.10 11.69
C THR A 9 -2.80 0.09 10.27
N GLY A 10 -2.41 -1.06 9.74
CA GLY A 10 -1.64 -1.10 8.50
C GLY A 10 -0.19 -1.43 8.79
N VAL A 11 0.05 -1.84 10.03
CA VAL A 11 1.37 -2.27 10.49
C VAL A 11 1.83 -3.43 9.64
N LYS A 12 0.88 -4.26 9.27
CA LYS A 12 1.09 -5.25 8.25
C LYS A 12 1.01 -4.48 6.94
N HIS A 13 2.15 -4.26 6.32
CA HIS A 13 2.27 -3.40 5.14
C HIS A 13 1.53 -3.86 3.89
N SER A 14 0.84 -4.99 3.97
CA SER A 14 -0.05 -5.45 2.90
C SER A 14 -1.20 -4.48 2.68
N ALA A 15 -1.40 -3.60 3.65
CA ALA A 15 -2.41 -2.57 3.57
C ALA A 15 -2.26 -1.67 2.33
N CYS A 16 -1.01 -1.40 1.95
CA CYS A 16 -0.74 -0.60 0.75
C CYS A 16 -1.26 -1.31 -0.49
N ALA A 17 -0.98 -2.60 -0.55
CA ALA A 17 -1.40 -3.41 -1.68
C ALA A 17 -2.91 -3.45 -1.77
N ALA A 18 -3.53 -3.57 -0.61
CA ALA A 18 -4.98 -3.61 -0.51
C ALA A 18 -5.61 -2.28 -0.93
N HIS A 19 -4.95 -1.18 -0.57
CA HIS A 19 -5.45 0.13 -0.93
C HIS A 19 -5.50 0.29 -2.44
N CYS A 20 -4.54 -0.30 -3.12
CA CYS A 20 -4.51 -0.28 -4.57
C CYS A 20 -5.59 -1.21 -5.15
N LEU A 21 -5.72 -2.39 -4.56
CA LEU A 21 -6.73 -3.37 -5.00
C LEU A 21 -8.14 -2.78 -4.91
N LEU A 22 -8.38 -1.95 -3.90
CA LEU A 22 -9.67 -1.29 -3.71
C LEU A 22 -10.00 -0.26 -4.80
N ARG A 23 -9.03 0.07 -5.65
CA ARG A 23 -9.28 0.97 -6.78
C ARG A 23 -9.44 0.16 -8.08
N GLY A 24 -9.44 -1.15 -7.96
CA GLY A 24 -9.51 -2.00 -9.13
C GLY A 24 -8.15 -2.23 -9.77
N ASN A 25 -7.08 -1.81 -9.10
CA ASN A 25 -5.74 -2.05 -9.62
C ASN A 25 -5.36 -3.49 -9.31
N ARG A 26 -4.35 -3.99 -9.99
CA ARG A 26 -3.82 -5.34 -9.78
C ARG A 26 -3.20 -5.52 -8.40
N GLY A 27 -2.94 -4.43 -7.70
CA GLY A 27 -2.40 -4.50 -6.35
C GLY A 27 -1.33 -3.44 -6.22
N GLY A 28 -0.51 -3.51 -5.18
CA GLY A 28 0.57 -2.55 -5.02
C GLY A 28 1.73 -3.18 -4.30
N TYR A 29 2.88 -2.51 -4.27
CA TYR A 29 4.04 -2.98 -3.53
C TYR A 29 4.65 -1.78 -2.82
N CYS A 30 5.46 -2.03 -1.80
CA CYS A 30 6.10 -0.95 -1.06
C CYS A 30 7.57 -0.83 -1.37
N ASN A 31 8.02 0.39 -1.60
CA ASN A 31 9.44 0.69 -1.77
C ASN A 31 10.05 0.80 -0.38
N GLY A 32 11.37 0.70 -0.30
CA GLY A 32 12.07 0.82 0.97
C GLY A 32 12.04 2.21 1.61
N ARG A 33 11.32 3.15 1.01
CA ARG A 33 11.15 4.49 1.54
C ARG A 33 9.70 4.73 1.97
N ALA A 34 9.01 3.62 2.25
CA ALA A 34 7.62 3.60 2.73
C ALA A 34 6.66 4.22 1.71
N ILE A 35 7.06 4.13 0.46
CA ILE A 35 6.21 4.59 -0.63
C ILE A 35 5.46 3.38 -1.15
N CYS A 36 4.21 3.58 -1.47
CA CYS A 36 3.36 2.52 -2.02
C CYS A 36 3.16 2.79 -3.51
N VAL A 37 3.43 1.79 -4.32
CA VAL A 37 3.37 1.91 -5.76
C VAL A 37 2.34 0.91 -6.25
N CYS A 38 1.19 1.44 -6.61
CA CYS A 38 0.12 0.63 -7.17
C CYS A 38 0.52 0.19 -8.58
N ARG A 39 0.03 -0.98 -8.96
CA ARG A 39 0.20 -1.50 -10.30
C ARG A 39 -0.97 -0.92 -11.09
N ASN A 40 -1.01 -1.17 -12.39
CA ASN A 40 -2.12 -0.75 -13.20
C ASN A 40 -3.41 -1.38 -12.67
N ALA A 1 0.95 6.92 -2.93
CA ALA A 1 0.36 6.48 -1.62
C ALA A 1 1.48 6.04 -0.68
N THR A 2 1.17 5.72 0.57
CA THR A 2 2.20 5.33 1.53
C THR A 2 2.03 3.91 2.05
N CYS A 3 3.14 3.35 2.49
CA CYS A 3 3.22 2.03 3.12
C CYS A 3 3.50 2.19 4.62
N ASP A 4 3.50 3.45 5.09
CA ASP A 4 3.82 3.77 6.48
C ASP A 4 2.84 3.18 7.49
N LEU A 5 3.32 3.03 8.71
CA LEU A 5 2.49 2.63 9.85
C LEU A 5 2.38 3.83 10.77
N LEU A 6 2.14 4.95 10.14
CA LEU A 6 2.05 6.25 10.81
C LEU A 6 0.68 6.41 11.44
N SER A 7 -0.30 5.77 10.81
CA SER A 7 -1.69 5.90 11.20
C SER A 7 -2.15 4.82 12.16
N GLY A 8 -1.21 4.07 12.71
CA GLY A 8 -1.60 2.87 13.39
C GLY A 8 -1.29 1.81 12.37
N THR A 9 -2.32 1.07 12.01
CA THR A 9 -2.21 0.02 11.03
C THR A 9 -1.53 0.43 9.74
N GLY A 10 -1.01 -0.61 9.12
CA GLY A 10 -0.11 -0.47 7.98
C GLY A 10 1.16 -1.26 8.25
N VAL A 11 1.30 -1.69 9.50
CA VAL A 11 2.42 -2.54 9.93
C VAL A 11 2.47 -3.78 9.06
N LYS A 12 1.30 -4.32 8.81
CA LYS A 12 1.12 -5.33 7.80
C LYS A 12 1.13 -4.56 6.48
N HIS A 13 2.28 -4.53 5.83
CA HIS A 13 2.47 -3.73 4.61
C HIS A 13 1.58 -4.13 3.45
N SER A 14 0.87 -5.23 3.61
CA SER A 14 -0.16 -5.67 2.66
C SER A 14 -1.30 -4.66 2.55
N ALA A 15 -1.39 -3.80 3.55
CA ALA A 15 -2.38 -2.74 3.57
C ALA A 15 -2.25 -1.82 2.35
N CYS A 16 -1.02 -1.53 1.96
CA CYS A 16 -0.77 -0.72 0.78
C CYS A 16 -1.29 -1.39 -0.47
N ALA A 17 -1.04 -2.69 -0.55
CA ALA A 17 -1.49 -3.47 -1.69
C ALA A 17 -3.01 -3.48 -1.77
N ALA A 18 -3.63 -3.60 -0.62
CA ALA A 18 -5.08 -3.62 -0.52
C ALA A 18 -5.66 -2.27 -0.93
N HIS A 19 -4.99 -1.19 -0.55
CA HIS A 19 -5.45 0.14 -0.87
C HIS A 19 -5.45 0.35 -2.39
N CYS A 20 -4.53 -0.30 -3.07
CA CYS A 20 -4.48 -0.24 -4.53
C CYS A 20 -5.57 -1.13 -5.14
N LEU A 21 -5.77 -2.31 -4.56
CA LEU A 21 -6.81 -3.24 -5.03
C LEU A 21 -8.19 -2.58 -4.98
N LEU A 22 -8.40 -1.75 -3.96
CA LEU A 22 -9.67 -1.01 -3.80
C LEU A 22 -9.93 0.02 -4.91
N ARG A 23 -8.94 0.27 -5.76
CA ARG A 23 -9.10 1.19 -6.89
C ARG A 23 -9.25 0.41 -8.19
N GLY A 24 -9.33 -0.90 -8.09
CA GLY A 24 -9.40 -1.75 -9.27
C GLY A 24 -8.04 -2.05 -9.86
N ASN A 25 -6.97 -1.67 -9.17
CA ASN A 25 -5.62 -1.97 -9.63
C ASN A 25 -5.33 -3.42 -9.28
N ARG A 26 -4.33 -4.00 -9.93
CA ARG A 26 -3.90 -5.37 -9.68
C ARG A 26 -3.31 -5.57 -8.28
N GLY A 27 -2.99 -4.47 -7.60
CA GLY A 27 -2.45 -4.54 -6.25
C GLY A 27 -1.37 -3.51 -6.13
N GLY A 28 -0.54 -3.58 -5.10
CA GLY A 28 0.57 -2.64 -4.94
C GLY A 28 1.74 -3.27 -4.23
N TYR A 29 2.88 -2.61 -4.23
CA TYR A 29 4.06 -3.08 -3.52
C TYR A 29 4.69 -1.87 -2.84
N CYS A 30 5.53 -2.11 -1.84
CA CYS A 30 6.15 -1.01 -1.12
C CYS A 30 7.62 -0.84 -1.48
N ASN A 31 8.01 0.39 -1.73
CA ASN A 31 9.41 0.73 -1.97
C ASN A 31 10.10 0.86 -0.62
N GLY A 32 11.43 0.82 -0.62
CA GLY A 32 12.20 0.96 0.61
C GLY A 32 12.13 2.32 1.31
N ARG A 33 11.35 3.25 0.75
CA ARG A 33 11.13 4.55 1.35
C ARG A 33 9.70 4.66 1.87
N ALA A 34 9.07 3.51 2.10
CA ALA A 34 7.72 3.39 2.64
C ALA A 34 6.70 4.04 1.71
N ILE A 35 7.03 4.02 0.43
CA ILE A 35 6.11 4.51 -0.59
C ILE A 35 5.37 3.31 -1.12
N CYS A 36 4.09 3.50 -1.38
CA CYS A 36 3.23 2.46 -1.91
C CYS A 36 3.08 2.70 -3.41
N VAL A 37 3.37 1.68 -4.21
CA VAL A 37 3.38 1.80 -5.64
C VAL A 37 2.37 0.80 -6.17
N CYS A 38 1.23 1.33 -6.57
CA CYS A 38 0.18 0.51 -7.14
C CYS A 38 0.62 0.02 -8.51
N ARG A 39 0.14 -1.17 -8.87
CA ARG A 39 0.35 -1.72 -10.19
C ARG A 39 -0.79 -1.15 -11.03
N ASN A 40 -0.79 -1.42 -12.33
CA ASN A 40 -1.88 -1.00 -13.19
C ASN A 40 -3.19 -1.56 -12.65
N ALA A 1 1.25 6.87 -3.05
CA ALA A 1 0.60 6.59 -1.74
C ALA A 1 1.64 6.15 -0.73
N THR A 2 1.26 5.88 0.51
CA THR A 2 2.21 5.44 1.54
C THR A 2 1.97 4.00 1.95
N CYS A 3 3.01 3.40 2.53
CA CYS A 3 2.99 2.04 3.04
C CYS A 3 3.03 2.10 4.59
N ASP A 4 3.04 3.33 5.11
CA ASP A 4 3.15 3.55 6.55
C ASP A 4 1.91 3.18 7.33
N LEU A 5 2.12 2.92 8.62
CA LEU A 5 1.05 2.73 9.59
C LEU A 5 0.89 4.04 10.35
N LEU A 6 0.90 5.09 9.56
CA LEU A 6 0.80 6.46 10.06
C LEU A 6 -0.61 6.69 10.55
N SER A 7 -1.53 6.00 9.91
CA SER A 7 -2.95 6.14 10.18
C SER A 7 -3.47 5.28 11.32
N GLY A 8 -2.57 4.69 12.08
CA GLY A 8 -3.01 3.72 13.05
C GLY A 8 -2.87 2.42 12.31
N THR A 9 -3.99 1.74 12.20
CA THR A 9 -4.07 0.49 11.50
C THR A 9 -3.46 0.50 10.10
N GLY A 10 -3.16 -0.70 9.66
CA GLY A 10 -2.38 -0.90 8.45
C GLY A 10 -0.95 -1.31 8.80
N VAL A 11 -0.76 -1.69 10.06
CA VAL A 11 0.54 -2.12 10.58
C VAL A 11 1.13 -3.24 9.73
N LYS A 12 0.26 -4.11 9.27
CA LYS A 12 0.63 -5.10 8.27
C LYS A 12 0.74 -4.32 6.97
N HIS A 13 1.95 -4.15 6.46
CA HIS A 13 2.22 -3.34 5.27
C HIS A 13 1.54 -3.82 3.98
N SER A 14 0.88 -4.96 4.05
CA SER A 14 0.04 -5.45 2.97
C SER A 14 -1.14 -4.51 2.69
N ALA A 15 -1.37 -3.61 3.64
CA ALA A 15 -2.39 -2.60 3.53
C ALA A 15 -2.20 -1.73 2.27
N CYS A 16 -0.95 -1.50 1.89
CA CYS A 16 -0.66 -0.74 0.67
C CYS A 16 -1.20 -1.44 -0.56
N ALA A 17 -0.97 -2.73 -0.61
CA ALA A 17 -1.43 -3.54 -1.74
C ALA A 17 -2.94 -3.52 -1.80
N ALA A 18 -3.55 -3.62 -0.63
CA ALA A 18 -5.00 -3.60 -0.52
C ALA A 18 -5.58 -2.25 -0.93
N HIS A 19 -4.89 -1.17 -0.59
CA HIS A 19 -5.34 0.16 -0.94
C HIS A 19 -5.41 0.31 -2.45
N CYS A 20 -4.49 -0.32 -3.15
CA CYS A 20 -4.48 -0.29 -4.60
C CYS A 20 -5.57 -1.21 -5.17
N LEU A 21 -5.74 -2.38 -4.57
CA LEU A 21 -6.78 -3.33 -4.99
C LEU A 21 -8.16 -2.68 -4.88
N LEU A 22 -8.36 -1.85 -3.87
CA LEU A 22 -9.63 -1.12 -3.67
C LEU A 22 -9.92 -0.09 -4.76
N ARG A 23 -8.95 0.20 -5.62
CA ARG A 23 -9.16 1.10 -6.76
C ARG A 23 -9.38 0.30 -8.03
N GLY A 24 -9.42 -1.01 -7.91
CA GLY A 24 -9.55 -1.87 -9.07
C GLY A 24 -8.21 -2.14 -9.73
N ASN A 25 -7.11 -1.79 -9.07
CA ASN A 25 -5.77 -2.07 -9.61
C ASN A 25 -5.43 -3.52 -9.29
N ARG A 26 -4.43 -4.04 -9.97
CA ARG A 26 -3.94 -5.40 -9.76
C ARG A 26 -3.33 -5.59 -8.36
N GLY A 27 -2.99 -4.49 -7.69
CA GLY A 27 -2.46 -4.54 -6.35
C GLY A 27 -1.37 -3.51 -6.24
N GLY A 28 -0.54 -3.57 -5.22
CA GLY A 28 0.55 -2.61 -5.05
C GLY A 28 1.72 -3.23 -4.32
N TYR A 29 2.86 -2.55 -4.29
CA TYR A 29 4.02 -3.01 -3.56
C TYR A 29 4.62 -1.82 -2.84
N CYS A 30 5.45 -2.07 -1.83
CA CYS A 30 6.08 -0.99 -1.08
C CYS A 30 7.55 -0.84 -1.43
N ASN A 31 7.98 0.40 -1.63
CA ASN A 31 9.38 0.71 -1.83
C ASN A 31 10.02 0.80 -0.44
N GLY A 32 11.34 0.73 -0.38
CA GLY A 32 12.06 0.84 0.89
C GLY A 32 12.00 2.20 1.57
N ARG A 33 11.27 3.15 0.98
CA ARG A 33 11.08 4.47 1.56
C ARG A 33 9.64 4.64 2.03
N ALA A 34 8.97 3.51 2.26
CA ALA A 34 7.58 3.44 2.75
C ALA A 34 6.61 4.08 1.77
N ILE A 35 7.00 4.05 0.51
CA ILE A 35 6.12 4.54 -0.55
C ILE A 35 5.39 3.34 -1.10
N CYS A 36 4.14 3.54 -1.41
CA CYS A 36 3.27 2.50 -1.96
C CYS A 36 3.09 2.76 -3.44
N VAL A 37 3.35 1.75 -4.27
CA VAL A 37 3.33 1.88 -5.71
C VAL A 37 2.32 0.88 -6.23
N CYS A 38 1.18 1.39 -6.63
CA CYS A 38 0.12 0.58 -7.20
C CYS A 38 0.54 0.11 -8.60
N ARG A 39 0.05 -1.05 -8.98
CA ARG A 39 0.22 -1.58 -10.32
C ARG A 39 -0.97 -1.05 -11.10
N ASN A 40 -1.00 -1.30 -12.40
CA ASN A 40 -2.12 -0.90 -13.22
C ASN A 40 -3.40 -1.51 -12.66
N ALA A 1 1.09 6.19 -3.56
CA ALA A 1 0.42 6.13 -2.22
C ALA A 1 1.47 5.84 -1.15
N THR A 2 1.06 5.57 0.08
CA THR A 2 2.01 5.27 1.16
C THR A 2 1.84 3.85 1.69
N CYS A 3 2.90 3.36 2.30
CA CYS A 3 2.95 2.04 2.93
C CYS A 3 2.98 2.21 4.46
N ASP A 4 2.85 3.46 4.91
CA ASP A 4 2.93 3.80 6.32
C ASP A 4 1.82 3.18 7.16
N LEU A 5 2.13 2.96 8.42
CA LEU A 5 1.15 2.52 9.42
C LEU A 5 1.08 3.61 10.47
N LEU A 6 1.02 4.81 9.94
CA LEU A 6 0.99 6.03 10.75
C LEU A 6 -0.36 6.15 11.44
N SER A 7 -1.37 5.63 10.77
CA SER A 7 -2.75 5.71 11.23
C SER A 7 -3.17 4.65 12.22
N GLY A 8 -2.22 3.91 12.73
CA GLY A 8 -2.57 2.77 13.54
C GLY A 8 -2.47 1.60 12.60
N THR A 9 -3.60 0.92 12.46
CA THR A 9 -3.72 -0.23 11.62
C THR A 9 -3.17 -0.08 10.22
N GLY A 10 -2.89 -1.24 9.65
CA GLY A 10 -2.16 -1.32 8.39
C GLY A 10 -0.71 -1.67 8.66
N VAL A 11 -0.45 -2.13 9.88
CA VAL A 11 0.88 -2.52 10.33
C VAL A 11 1.47 -3.57 9.41
N LYS A 12 0.64 -4.48 8.97
CA LYS A 12 1.02 -5.42 7.94
C LYS A 12 1.02 -4.63 6.64
N HIS A 13 2.18 -4.48 6.04
CA HIS A 13 2.37 -3.67 4.83
C HIS A 13 1.58 -4.11 3.59
N SER A 14 0.86 -5.23 3.71
CA SER A 14 -0.08 -5.66 2.68
C SER A 14 -1.20 -4.65 2.50
N ALA A 15 -1.35 -3.77 3.48
CA ALA A 15 -2.31 -2.70 3.45
C ALA A 15 -2.13 -1.79 2.22
N CYS A 16 -0.88 -1.59 1.81
CA CYS A 16 -0.58 -0.80 0.62
C CYS A 16 -1.17 -1.45 -0.62
N ALA A 17 -0.98 -2.76 -0.71
CA ALA A 17 -1.46 -3.52 -1.84
C ALA A 17 -2.98 -3.47 -1.88
N ALA A 18 -3.57 -3.58 -0.71
CA ALA A 18 -5.02 -3.52 -0.58
C ALA A 18 -5.56 -2.15 -0.97
N HIS A 19 -4.82 -1.10 -0.64
CA HIS A 19 -5.24 0.26 -0.97
C HIS A 19 -5.32 0.43 -2.48
N CYS A 20 -4.46 -0.27 -3.20
CA CYS A 20 -4.49 -0.24 -4.65
C CYS A 20 -5.62 -1.11 -5.18
N LEU A 21 -5.78 -2.29 -4.58
CA LEU A 21 -6.85 -3.23 -4.98
C LEU A 21 -8.23 -2.59 -4.84
N LEU A 22 -8.39 -1.73 -3.83
CA LEU A 22 -9.65 -1.01 -3.60
C LEU A 22 -9.99 -0.02 -4.72
N ARG A 23 -9.05 0.27 -5.60
CA ARG A 23 -9.30 1.15 -6.75
C ARG A 23 -9.47 0.33 -8.02
N GLY A 24 -9.48 -0.98 -7.89
CA GLY A 24 -9.56 -1.85 -9.05
C GLY A 24 -8.21 -2.10 -9.69
N ASN A 25 -7.13 -1.67 -9.05
CA ASN A 25 -5.79 -1.93 -9.57
C ASN A 25 -5.44 -3.37 -9.21
N ARG A 26 -4.45 -3.92 -9.91
CA ARG A 26 -3.99 -5.29 -9.68
C ARG A 26 -3.36 -5.49 -8.29
N GLY A 27 -3.00 -4.40 -7.62
CA GLY A 27 -2.44 -4.49 -6.28
C GLY A 27 -1.28 -3.52 -6.22
N GLY A 28 -0.42 -3.63 -5.21
CA GLY A 28 0.72 -2.72 -5.11
C GLY A 28 1.85 -3.36 -4.32
N TYR A 29 3.01 -2.71 -4.28
CA TYR A 29 4.14 -3.16 -3.49
C TYR A 29 4.76 -1.96 -2.81
N CYS A 30 5.54 -2.17 -1.76
CA CYS A 30 6.15 -1.06 -1.05
C CYS A 30 7.64 -0.91 -1.37
N ASN A 31 8.06 0.33 -1.50
CA ASN A 31 9.48 0.66 -1.63
C ASN A 31 10.03 0.85 -0.23
N GLY A 32 11.35 0.81 -0.08
CA GLY A 32 11.98 0.99 1.22
C GLY A 32 11.85 2.40 1.81
N ARG A 33 11.20 3.30 1.10
CA ARG A 33 10.93 4.65 1.58
C ARG A 33 9.51 4.76 2.10
N ALA A 34 8.90 3.60 2.32
CA ALA A 34 7.50 3.47 2.79
C ALA A 34 6.53 4.08 1.79
N ILE A 35 6.92 4.04 0.53
CA ILE A 35 6.05 4.50 -0.56
C ILE A 35 5.39 3.27 -1.12
N CYS A 36 4.14 3.41 -1.49
CA CYS A 36 3.36 2.32 -2.08
C CYS A 36 3.23 2.57 -3.57
N VAL A 37 3.56 1.55 -4.36
CA VAL A 37 3.56 1.65 -5.81
C VAL A 37 2.51 0.69 -6.32
N CYS A 38 1.38 1.26 -6.67
CA CYS A 38 0.28 0.47 -7.23
C CYS A 38 0.66 0.02 -8.64
N ARG A 39 0.13 -1.12 -9.02
CA ARG A 39 0.26 -1.63 -10.38
C ARG A 39 -0.94 -1.06 -11.12
N ASN A 40 -1.02 -1.29 -12.43
CA ASN A 40 -2.16 -0.86 -13.21
C ASN A 40 -3.43 -1.46 -12.63
N ALA A 1 1.42 6.77 -3.22
CA ALA A 1 0.76 6.59 -1.89
C ALA A 1 1.79 6.16 -0.87
N THR A 2 1.38 5.84 0.35
CA THR A 2 2.33 5.44 1.40
C THR A 2 2.08 4.02 1.91
N CYS A 3 3.11 3.43 2.49
CA CYS A 3 3.09 2.11 3.08
C CYS A 3 3.16 2.25 4.62
N ASP A 4 3.07 3.49 5.09
CA ASP A 4 3.19 3.81 6.52
C ASP A 4 2.06 3.27 7.38
N LEU A 5 2.35 3.14 8.67
CA LEU A 5 1.37 2.78 9.69
C LEU A 5 1.26 3.97 10.62
N LEU A 6 1.16 5.11 9.98
CA LEU A 6 1.17 6.41 10.66
C LEU A 6 -0.20 6.73 11.25
N SER A 7 -1.24 6.30 10.55
CA SER A 7 -2.62 6.60 10.94
C SER A 7 -3.23 5.58 11.86
N GLY A 8 -2.40 4.68 12.35
CA GLY A 8 -2.87 3.58 13.15
C GLY A 8 -2.57 2.32 12.38
N THR A 9 -3.60 1.54 12.17
CA THR A 9 -3.54 0.31 11.43
C THR A 9 -2.84 0.39 10.08
N GLY A 10 -2.45 -0.80 9.65
CA GLY A 10 -1.64 -0.95 8.45
C GLY A 10 -0.23 -1.38 8.80
N VAL A 11 -0.06 -1.82 10.05
CA VAL A 11 1.22 -2.31 10.55
C VAL A 11 1.66 -3.48 9.69
N LYS A 12 0.68 -4.26 9.30
CA LYS A 12 0.86 -5.26 8.28
C LYS A 12 0.87 -4.48 6.96
N HIS A 13 2.04 -4.31 6.39
CA HIS A 13 2.23 -3.47 5.19
C HIS A 13 1.49 -3.91 3.94
N SER A 14 0.79 -5.03 4.01
CA SER A 14 -0.08 -5.49 2.95
C SER A 14 -1.21 -4.51 2.70
N ALA A 15 -1.42 -3.64 3.67
CA ALA A 15 -2.41 -2.58 3.58
C ALA A 15 -2.25 -1.70 2.36
N CYS A 16 -1.01 -1.41 1.98
CA CYS A 16 -0.75 -0.61 0.79
C CYS A 16 -1.25 -1.31 -0.46
N ALA A 17 -0.97 -2.60 -0.52
CA ALA A 17 -1.37 -3.41 -1.66
C ALA A 17 -2.89 -3.45 -1.75
N ALA A 18 -3.51 -3.57 -0.60
CA ALA A 18 -4.97 -3.61 -0.51
C ALA A 18 -5.58 -2.28 -0.92
N HIS A 19 -4.93 -1.19 -0.55
CA HIS A 19 -5.42 0.13 -0.88
C HIS A 19 -5.46 0.32 -2.39
N CYS A 20 -4.50 -0.28 -3.07
CA CYS A 20 -4.47 -0.25 -4.53
C CYS A 20 -5.52 -1.18 -5.12
N LEU A 21 -5.67 -2.37 -4.53
CA LEU A 21 -6.66 -3.34 -5.01
C LEU A 21 -8.06 -2.75 -4.96
N LEU A 22 -8.34 -1.93 -3.95
CA LEU A 22 -9.64 -1.27 -3.80
C LEU A 22 -9.94 -0.29 -4.93
N ARG A 23 -8.92 0.16 -5.65
CA ARG A 23 -9.13 1.06 -6.80
C ARG A 23 -9.37 0.27 -8.07
N GLY A 24 -9.39 -1.05 -7.96
CA GLY A 24 -9.53 -1.91 -9.13
C GLY A 24 -8.19 -2.17 -9.80
N ASN A 25 -7.09 -1.85 -9.12
CA ASN A 25 -5.76 -2.13 -9.67
C ASN A 25 -5.38 -3.57 -9.32
N ARG A 26 -4.36 -4.08 -9.98
CA ARG A 26 -3.82 -5.41 -9.74
C ARG A 26 -3.23 -5.55 -8.33
N GLY A 27 -2.96 -4.44 -7.67
CA GLY A 27 -2.45 -4.47 -6.31
C GLY A 27 -1.38 -3.40 -6.21
N GLY A 28 -0.57 -3.44 -5.17
CA GLY A 28 0.50 -2.48 -5.02
C GLY A 28 1.68 -3.11 -4.32
N TYR A 29 2.82 -2.43 -4.29
CA TYR A 29 3.98 -2.91 -3.59
C TYR A 29 4.60 -1.74 -2.85
N CYS A 30 5.44 -2.03 -1.86
CA CYS A 30 6.09 -0.98 -1.08
C CYS A 30 7.57 -0.88 -1.39
N ASN A 31 8.01 0.33 -1.68
CA ASN A 31 9.43 0.61 -1.88
C ASN A 31 10.07 0.73 -0.50
N GLY A 32 11.39 0.63 -0.43
CA GLY A 32 12.11 0.75 0.84
C GLY A 32 12.07 2.12 1.52
N ARG A 33 11.36 3.07 0.93
CA ARG A 33 11.18 4.38 1.51
C ARG A 33 9.73 4.58 1.96
N ALA A 34 9.05 3.46 2.19
CA ALA A 34 7.66 3.41 2.66
C ALA A 34 6.72 4.07 1.68
N ILE A 35 7.10 4.02 0.42
CA ILE A 35 6.25 4.53 -0.65
C ILE A 35 5.48 3.35 -1.19
N CYS A 36 4.22 3.57 -1.46
CA CYS A 36 3.33 2.56 -2.00
C CYS A 36 3.10 2.87 -3.48
N VAL A 37 3.34 1.88 -4.33
CA VAL A 37 3.27 2.04 -5.76
C VAL A 37 2.28 1.00 -6.25
N CYS A 38 1.11 1.49 -6.62
CA CYS A 38 0.06 0.66 -7.19
C CYS A 38 0.49 0.19 -8.58
N ARG A 39 0.00 -0.98 -8.96
CA ARG A 39 0.22 -1.51 -10.29
C ARG A 39 -0.93 -0.99 -11.15
N ASN A 40 -0.95 -1.36 -12.42
CA ASN A 40 -2.04 -1.02 -13.31
C ASN A 40 -3.35 -1.55 -12.76
N ALA A 1 1.43 6.71 -3.49
CA ALA A 1 0.73 6.50 -2.18
C ALA A 1 1.76 6.13 -1.12
N THR A 2 1.32 5.82 0.10
CA THR A 2 2.26 5.46 1.18
C THR A 2 2.01 4.06 1.72
N CYS A 3 3.04 3.50 2.32
CA CYS A 3 3.03 2.19 2.95
C CYS A 3 3.09 2.37 4.48
N ASP A 4 2.96 3.61 4.91
CA ASP A 4 3.07 3.96 6.34
C ASP A 4 1.97 3.37 7.22
N LEU A 5 2.30 3.26 8.50
CA LEU A 5 1.33 2.86 9.54
C LEU A 5 1.23 4.03 10.50
N LEU A 6 1.07 5.18 9.87
CA LEU A 6 1.06 6.46 10.56
C LEU A 6 -0.30 6.72 11.20
N SER A 7 -1.34 6.26 10.54
CA SER A 7 -2.72 6.51 10.95
C SER A 7 -3.26 5.48 11.92
N GLY A 8 -2.38 4.60 12.37
CA GLY A 8 -2.78 3.49 13.19
C GLY A 8 -2.47 2.24 12.42
N THR A 9 -3.50 1.44 12.25
CA THR A 9 -3.43 0.19 11.52
C THR A 9 -2.82 0.28 10.13
N GLY A 10 -2.41 -0.90 9.69
CA GLY A 10 -1.66 -1.05 8.46
C GLY A 10 -0.22 -1.41 8.74
N VAL A 11 0.02 -1.82 9.98
CA VAL A 11 1.35 -2.26 10.43
C VAL A 11 1.82 -3.40 9.56
N LYS A 12 0.86 -4.24 9.20
CA LYS A 12 1.06 -5.24 8.19
C LYS A 12 1.01 -4.47 6.87
N HIS A 13 2.18 -4.28 6.26
CA HIS A 13 2.32 -3.44 5.06
C HIS A 13 1.56 -3.90 3.81
N SER A 14 0.87 -5.03 3.92
CA SER A 14 -0.03 -5.49 2.87
C SER A 14 -1.18 -4.51 2.65
N ALA A 15 -1.36 -3.63 3.62
CA ALA A 15 -2.36 -2.60 3.56
C ALA A 15 -2.21 -1.70 2.33
N CYS A 16 -0.98 -1.41 1.94
CA CYS A 16 -0.73 -0.61 0.75
C CYS A 16 -1.24 -1.30 -0.50
N ALA A 17 -0.98 -2.58 -0.55
CA ALA A 17 -1.38 -3.41 -1.68
C ALA A 17 -2.90 -3.44 -1.77
N ALA A 18 -3.52 -3.57 -0.61
CA ALA A 18 -4.97 -3.60 -0.52
C ALA A 18 -5.59 -2.28 -0.92
N HIS A 19 -4.93 -1.19 -0.55
CA HIS A 19 -5.41 0.13 -0.87
C HIS A 19 -5.46 0.33 -2.38
N CYS A 20 -4.50 -0.28 -3.08
CA CYS A 20 -4.48 -0.25 -4.53
C CYS A 20 -5.54 -1.18 -5.13
N LEU A 21 -5.69 -2.36 -4.54
CA LEU A 21 -6.70 -3.33 -4.99
C LEU A 21 -8.11 -2.73 -4.93
N LEU A 22 -8.36 -1.93 -3.92
CA LEU A 22 -9.65 -1.26 -3.76
C LEU A 22 -9.97 -0.27 -4.89
N ARG A 23 -8.95 0.19 -5.61
CA ARG A 23 -9.17 1.08 -6.75
C ARG A 23 -9.42 0.29 -8.04
N GLY A 24 -9.43 -1.03 -7.92
CA GLY A 24 -9.57 -1.89 -9.09
C GLY A 24 -8.23 -2.14 -9.77
N ASN A 25 -7.12 -1.82 -9.11
CA ASN A 25 -5.80 -2.10 -9.65
C ASN A 25 -5.42 -3.53 -9.29
N ARG A 26 -4.39 -4.05 -9.96
CA ARG A 26 -3.86 -5.39 -9.71
C ARG A 26 -3.26 -5.54 -8.31
N GLY A 27 -3.00 -4.43 -7.64
CA GLY A 27 -2.46 -4.46 -6.29
C GLY A 27 -1.37 -3.41 -6.20
N GLY A 28 -0.55 -3.46 -5.17
CA GLY A 28 0.55 -2.52 -5.03
C GLY A 28 1.73 -3.16 -4.34
N TYR A 29 2.87 -2.49 -4.32
CA TYR A 29 4.03 -2.95 -3.61
C TYR A 29 4.66 -1.77 -2.88
N CYS A 30 5.48 -2.04 -1.88
CA CYS A 30 6.11 -0.98 -1.11
C CYS A 30 7.60 -0.87 -1.40
N ASN A 31 8.05 0.34 -1.69
CA ASN A 31 9.48 0.62 -1.85
C ASN A 31 10.08 0.77 -0.47
N GLY A 32 11.40 0.68 -0.38
CA GLY A 32 12.11 0.81 0.90
C GLY A 32 12.05 2.18 1.57
N ARG A 33 11.35 3.14 0.97
CA ARG A 33 11.15 4.45 1.55
C ARG A 33 9.69 4.64 1.95
N ALA A 34 9.00 3.51 2.17
CA ALA A 34 7.61 3.46 2.62
C ALA A 34 6.68 4.10 1.61
N ILE A 35 7.09 4.04 0.36
CA ILE A 35 6.25 4.52 -0.73
C ILE A 35 5.50 3.34 -1.26
N CYS A 36 4.24 3.55 -1.55
CA CYS A 36 3.35 2.53 -2.10
C CYS A 36 3.15 2.80 -3.58
N VAL A 37 3.40 1.81 -4.41
CA VAL A 37 3.33 1.93 -5.84
C VAL A 37 2.31 0.92 -6.32
N CYS A 38 1.16 1.43 -6.67
CA CYS A 38 0.09 0.61 -7.22
C CYS A 38 0.48 0.14 -8.62
N ARG A 39 -0.02 -1.02 -9.00
CA ARG A 39 0.18 -1.58 -10.32
C ARG A 39 -0.96 -1.02 -11.17
N ASN A 40 -1.00 -1.40 -12.44
CA ASN A 40 -2.08 -1.03 -13.32
C ASN A 40 -3.40 -1.55 -12.77
N ALA A 1 1.47 6.78 -3.02
CA ALA A 1 0.85 6.70 -1.66
C ALA A 1 1.90 6.23 -0.66
N THR A 2 1.50 5.92 0.57
CA THR A 2 2.45 5.44 1.59
C THR A 2 2.16 4.00 2.01
N CYS A 3 3.17 3.36 2.57
CA CYS A 3 3.11 2.00 3.07
C CYS A 3 3.13 2.03 4.60
N ASP A 4 3.18 3.23 5.16
CA ASP A 4 3.27 3.43 6.61
C ASP A 4 2.01 3.10 7.36
N LEU A 5 2.18 2.86 8.65
CA LEU A 5 1.07 2.69 9.59
C LEU A 5 0.91 3.99 10.34
N LEU A 6 0.96 5.05 9.56
CA LEU A 6 0.89 6.42 10.06
C LEU A 6 -0.55 6.73 10.43
N SER A 7 -1.45 6.12 9.68
CA SER A 7 -2.89 6.34 9.86
C SER A 7 -3.53 5.53 10.96
N GLY A 8 -2.71 4.87 11.75
CA GLY A 8 -3.21 3.96 12.74
C GLY A 8 -2.98 2.61 12.14
N THR A 9 -4.06 1.86 12.10
CA THR A 9 -4.11 0.56 11.50
C THR A 9 -3.54 0.48 10.10
N GLY A 10 -3.23 -0.76 9.75
CA GLY A 10 -2.49 -1.04 8.53
C GLY A 10 -1.07 -1.46 8.84
N VAL A 11 -0.84 -1.80 10.10
CA VAL A 11 0.48 -2.21 10.59
C VAL A 11 1.07 -3.34 9.76
N LYS A 12 0.20 -4.22 9.32
CA LYS A 12 0.56 -5.20 8.33
C LYS A 12 0.64 -4.44 7.01
N HIS A 13 1.85 -4.22 6.52
CA HIS A 13 2.11 -3.38 5.34
C HIS A 13 1.44 -3.82 4.03
N SER A 14 0.77 -4.97 4.07
CA SER A 14 -0.07 -5.41 2.96
C SER A 14 -1.22 -4.44 2.70
N ALA A 15 -1.44 -3.57 3.67
CA ALA A 15 -2.43 -2.53 3.57
C ALA A 15 -2.25 -1.64 2.34
N CYS A 16 -1.01 -1.38 1.97
CA CYS A 16 -0.73 -0.59 0.77
C CYS A 16 -1.23 -1.28 -0.48
N ALA A 17 -0.97 -2.57 -0.54
CA ALA A 17 -1.38 -3.38 -1.68
C ALA A 17 -2.90 -3.41 -1.76
N ALA A 18 -3.51 -3.53 -0.60
CA ALA A 18 -4.97 -3.56 -0.50
C ALA A 18 -5.58 -2.23 -0.92
N HIS A 19 -4.93 -1.14 -0.56
CA HIS A 19 -5.41 0.18 -0.89
C HIS A 19 -5.46 0.35 -2.42
N CYS A 20 -4.52 -0.26 -3.10
CA CYS A 20 -4.50 -0.24 -4.56
C CYS A 20 -5.54 -1.19 -5.14
N LEU A 21 -5.70 -2.36 -4.53
CA LEU A 21 -6.69 -3.35 -4.98
C LEU A 21 -8.10 -2.76 -4.92
N LEU A 22 -8.36 -1.93 -3.92
CA LEU A 22 -9.66 -1.26 -3.77
C LEU A 22 -9.98 -0.30 -4.92
N ARG A 23 -8.96 0.14 -5.67
CA ARG A 23 -9.19 1.01 -6.82
C ARG A 23 -9.42 0.18 -8.08
N GLY A 24 -9.44 -1.14 -7.95
CA GLY A 24 -9.57 -2.01 -9.09
C GLY A 24 -8.24 -2.28 -9.77
N ASN A 25 -7.13 -1.94 -9.10
CA ASN A 25 -5.80 -2.21 -9.64
C ASN A 25 -5.42 -3.65 -9.28
N ARG A 26 -4.39 -4.16 -9.94
CA ARG A 26 -3.84 -5.49 -9.67
C ARG A 26 -3.26 -5.60 -8.27
N GLY A 27 -2.97 -4.48 -7.63
CA GLY A 27 -2.45 -4.47 -6.28
C GLY A 27 -1.40 -3.41 -6.19
N GLY A 28 -0.58 -3.43 -5.15
CA GLY A 28 0.49 -2.46 -5.02
C GLY A 28 1.69 -3.10 -4.35
N TYR A 29 2.82 -2.41 -4.34
CA TYR A 29 4.01 -2.89 -3.68
C TYR A 29 4.64 -1.72 -2.94
N CYS A 30 5.49 -2.01 -1.97
CA CYS A 30 6.13 -0.96 -1.19
C CYS A 30 7.61 -0.85 -1.53
N ASN A 31 8.04 0.37 -1.80
CA ASN A 31 9.46 0.66 -2.02
C ASN A 31 10.12 0.74 -0.64
N GLY A 32 11.44 0.64 -0.61
CA GLY A 32 12.19 0.70 0.65
C GLY A 32 12.16 2.03 1.39
N ARG A 33 11.42 3.01 0.88
CA ARG A 33 11.23 4.28 1.55
C ARG A 33 9.78 4.47 1.97
N ALA A 34 9.09 3.35 2.17
CA ALA A 34 7.70 3.30 2.64
C ALA A 34 6.75 3.99 1.67
N ILE A 35 7.14 3.97 0.41
CA ILE A 35 6.28 4.51 -0.64
C ILE A 35 5.51 3.34 -1.21
N CYS A 36 4.25 3.59 -1.46
CA CYS A 36 3.33 2.58 -2.01
C CYS A 36 3.10 2.90 -3.48
N VAL A 37 3.32 1.91 -4.34
CA VAL A 37 3.22 2.07 -5.77
C VAL A 37 2.25 1.02 -6.26
N CYS A 38 1.09 1.51 -6.65
CA CYS A 38 0.05 0.67 -7.21
C CYS A 38 0.46 0.18 -8.60
N ARG A 39 -0.03 -0.99 -8.97
CA ARG A 39 0.16 -1.55 -10.29
C ARG A 39 -0.98 -1.03 -11.15
N ASN A 40 -1.01 -1.42 -12.42
CA ASN A 40 -2.10 -1.10 -13.29
C ASN A 40 -3.41 -1.65 -12.74
N ALA A 1 1.40 6.80 -3.12
CA ALA A 1 0.74 6.60 -1.78
C ALA A 1 1.80 6.17 -0.77
N THR A 2 1.40 5.84 0.46
CA THR A 2 2.36 5.42 1.49
C THR A 2 2.12 4.00 1.97
N CYS A 3 3.17 3.40 2.50
CA CYS A 3 3.15 2.07 3.09
C CYS A 3 3.29 2.18 4.61
N ASP A 4 3.23 3.41 5.11
CA ASP A 4 3.42 3.70 6.54
C ASP A 4 2.35 3.11 7.44
N LEU A 5 2.70 2.96 8.71
CA LEU A 5 1.76 2.56 9.75
C LEU A 5 1.60 3.75 10.69
N LEU A 6 1.44 4.88 10.03
CA LEU A 6 1.38 6.18 10.69
C LEU A 6 0.02 6.39 11.33
N SER A 7 -1.00 5.87 10.68
CA SER A 7 -2.38 6.06 11.11
C SER A 7 -2.86 5.04 12.11
N GLY A 8 -1.94 4.23 12.58
CA GLY A 8 -2.28 3.13 13.45
C GLY A 8 -2.02 1.90 12.64
N THR A 9 -3.06 1.09 12.56
CA THR A 9 -3.05 -0.15 11.81
C THR A 9 -2.54 -0.06 10.38
N GLY A 10 -2.17 -1.23 9.90
CA GLY A 10 -1.49 -1.36 8.61
C GLY A 10 -0.03 -1.71 8.83
N VAL A 11 0.28 -2.12 10.05
CA VAL A 11 1.62 -2.58 10.41
C VAL A 11 2.00 -3.76 9.53
N LYS A 12 0.98 -4.56 9.24
CA LYS A 12 1.07 -5.55 8.19
C LYS A 12 0.98 -4.74 6.90
N HIS A 13 2.11 -4.51 6.26
CA HIS A 13 2.22 -3.63 5.10
C HIS A 13 1.46 -4.06 3.84
N SER A 14 0.74 -5.16 3.92
CA SER A 14 -0.18 -5.57 2.86
C SER A 14 -1.29 -4.56 2.67
N ALA A 15 -1.44 -3.69 3.65
CA ALA A 15 -2.41 -2.62 3.60
C ALA A 15 -2.25 -1.71 2.39
N CYS A 16 -1.01 -1.44 2.01
CA CYS A 16 -0.74 -0.63 0.82
C CYS A 16 -1.25 -1.31 -0.43
N ALA A 17 -0.99 -2.60 -0.49
CA ALA A 17 -1.40 -3.40 -1.64
C ALA A 17 -2.92 -3.43 -1.74
N ALA A 18 -3.54 -3.54 -0.58
CA ALA A 18 -5.00 -3.57 -0.49
C ALA A 18 -5.61 -2.23 -0.90
N HIS A 19 -4.95 -1.15 -0.53
CA HIS A 19 -5.42 0.17 -0.87
C HIS A 19 -5.47 0.36 -2.38
N CYS A 20 -4.51 -0.27 -3.06
CA CYS A 20 -4.47 -0.23 -4.52
C CYS A 20 -5.52 -1.18 -5.12
N LEU A 21 -5.69 -2.35 -4.52
CA LEU A 21 -6.67 -3.34 -5.00
C LEU A 21 -8.07 -2.74 -4.96
N LEU A 22 -8.35 -1.91 -3.96
CA LEU A 22 -9.65 -1.25 -3.82
C LEU A 22 -9.96 -0.28 -4.98
N ARG A 23 -8.93 0.16 -5.69
CA ARG A 23 -9.13 1.04 -6.85
C ARG A 23 -9.36 0.24 -8.12
N GLY A 24 -9.38 -1.08 -7.99
CA GLY A 24 -9.51 -1.95 -9.15
C GLY A 24 -8.17 -2.23 -9.81
N ASN A 25 -7.07 -1.89 -9.14
CA ASN A 25 -5.73 -2.17 -9.67
C ASN A 25 -5.36 -3.61 -9.31
N ARG A 26 -4.33 -4.12 -9.96
CA ARG A 26 -3.80 -5.45 -9.70
C ARG A 26 -3.22 -5.58 -8.29
N GLY A 27 -2.96 -4.46 -7.63
CA GLY A 27 -2.45 -4.47 -6.28
C GLY A 27 -1.40 -3.40 -6.17
N GLY A 28 -0.59 -3.43 -5.12
CA GLY A 28 0.48 -2.46 -4.97
C GLY A 28 1.66 -3.09 -4.30
N TYR A 29 2.81 -2.42 -4.29
CA TYR A 29 3.99 -2.90 -3.63
C TYR A 29 4.62 -1.73 -2.89
N CYS A 30 5.47 -2.02 -1.92
CA CYS A 30 6.12 -0.98 -1.13
C CYS A 30 7.60 -0.86 -1.46
N ASN A 31 8.03 0.35 -1.75
CA ASN A 31 9.43 0.64 -1.97
C ASN A 31 10.10 0.75 -0.60
N GLY A 32 11.43 0.65 -0.57
CA GLY A 32 12.18 0.74 0.68
C GLY A 32 12.14 2.09 1.41
N ARG A 33 11.41 3.06 0.86
CA ARG A 33 11.23 4.35 1.49
C ARG A 33 9.78 4.53 1.95
N ALA A 34 9.11 3.40 2.17
CA ALA A 34 7.73 3.34 2.66
C ALA A 34 6.76 4.02 1.70
N ILE A 35 7.13 3.99 0.44
CA ILE A 35 6.26 4.51 -0.62
C ILE A 35 5.48 3.34 -1.17
N CYS A 36 4.22 3.57 -1.41
CA CYS A 36 3.31 2.57 -1.97
C CYS A 36 3.08 2.88 -3.43
N VAL A 37 3.31 1.90 -4.29
CA VAL A 37 3.23 2.07 -5.72
C VAL A 37 2.26 1.02 -6.22
N CYS A 38 1.09 1.51 -6.60
CA CYS A 38 0.06 0.67 -7.18
C CYS A 38 0.49 0.18 -8.56
N ARG A 39 0.01 -0.99 -8.93
CA ARG A 39 0.23 -1.54 -10.25
C ARG A 39 -0.90 -1.01 -11.13
N ASN A 40 -0.91 -1.41 -12.40
CA ASN A 40 -1.99 -1.08 -13.29
C ASN A 40 -3.31 -1.61 -12.75
N ALA A 1 1.32 6.71 -3.56
CA ALA A 1 0.60 6.45 -2.29
C ALA A 1 1.60 6.11 -1.19
N THR A 2 1.16 5.80 0.02
CA THR A 2 2.08 5.49 1.11
C THR A 2 1.88 4.08 1.68
N CYS A 3 2.92 3.57 2.29
CA CYS A 3 2.95 2.27 2.96
C CYS A 3 3.00 2.48 4.48
N ASP A 4 2.84 3.74 4.90
CA ASP A 4 2.96 4.13 6.30
C ASP A 4 1.94 3.48 7.23
N LEU A 5 2.32 3.40 8.49
CA LEU A 5 1.43 2.95 9.57
C LEU A 5 1.19 4.14 10.47
N LEU A 6 0.92 5.24 9.80
CA LEU A 6 0.71 6.54 10.44
C LEU A 6 -0.65 6.57 11.11
N SER A 7 -1.59 5.91 10.48
CA SER A 7 -2.99 5.93 10.91
C SER A 7 -3.34 4.89 11.95
N GLY A 8 -2.34 4.26 12.53
CA GLY A 8 -2.63 3.07 13.31
C GLY A 8 -2.28 1.98 12.34
N THR A 9 -3.27 1.15 12.07
CA THR A 9 -3.12 0.04 11.16
C THR A 9 -2.48 0.39 9.83
N GLY A 10 -1.93 -0.65 9.25
CA GLY A 10 -1.06 -0.55 8.09
C GLY A 10 0.33 -1.05 8.46
N VAL A 11 0.46 -1.45 9.73
CA VAL A 11 1.69 -2.03 10.26
C VAL A 11 2.05 -3.26 9.44
N LYS A 12 1.01 -3.99 9.08
CA LYS A 12 1.13 -5.05 8.13
C LYS A 12 1.11 -4.34 6.78
N HIS A 13 2.28 -4.19 6.18
CA HIS A 13 2.46 -3.39 4.96
C HIS A 13 1.71 -3.88 3.72
N SER A 14 1.04 -5.02 3.84
CA SER A 14 0.14 -5.51 2.82
C SER A 14 -1.03 -4.56 2.58
N ALA A 15 -1.24 -3.68 3.54
CA ALA A 15 -2.26 -2.66 3.46
C ALA A 15 -2.12 -1.78 2.22
N CYS A 16 -0.89 -1.49 1.83
CA CYS A 16 -0.64 -0.70 0.62
C CYS A 16 -1.18 -1.41 -0.61
N ALA A 17 -0.91 -2.70 -0.68
CA ALA A 17 -1.35 -3.52 -1.80
C ALA A 17 -2.86 -3.54 -1.86
N ALA A 18 -3.47 -3.66 -0.70
CA ALA A 18 -4.92 -3.69 -0.58
C ALA A 18 -5.53 -2.35 -0.96
N HIS A 19 -4.86 -1.26 -0.60
CA HIS A 19 -5.34 0.06 -0.92
C HIS A 19 -5.40 0.24 -2.43
N CYS A 20 -4.44 -0.33 -3.13
CA CYS A 20 -4.43 -0.27 -4.59
C CYS A 20 -5.51 -1.20 -5.16
N LEU A 21 -5.65 -2.39 -4.60
CA LEU A 21 -6.68 -3.34 -5.04
C LEU A 21 -8.08 -2.73 -4.93
N LEU A 22 -8.30 -1.92 -3.90
CA LEU A 22 -9.58 -1.23 -3.70
C LEU A 22 -9.89 -0.19 -4.78
N ARG A 23 -8.88 0.22 -5.54
CA ARG A 23 -9.10 1.15 -6.66
C ARG A 23 -9.32 0.38 -7.96
N GLY A 24 -9.35 -0.93 -7.87
CA GLY A 24 -9.47 -1.77 -9.06
C GLY A 24 -8.12 -2.03 -9.71
N ASN A 25 -7.03 -1.67 -9.05
CA ASN A 25 -5.70 -1.94 -9.59
C ASN A 25 -5.36 -3.39 -9.28
N ARG A 26 -4.37 -3.93 -9.97
CA ARG A 26 -3.91 -5.30 -9.79
C ARG A 26 -3.19 -5.53 -8.46
N GLY A 27 -2.95 -4.47 -7.68
CA GLY A 27 -2.32 -4.61 -6.38
C GLY A 27 -1.28 -3.53 -6.24
N GLY A 28 -0.38 -3.63 -5.28
CA GLY A 28 0.67 -2.64 -5.11
C GLY A 28 1.82 -3.20 -4.31
N TYR A 29 2.96 -2.50 -4.27
CA TYR A 29 4.11 -2.93 -3.49
C TYR A 29 4.70 -1.72 -2.78
N CYS A 30 5.50 -1.96 -1.75
CA CYS A 30 6.11 -0.87 -0.99
C CYS A 30 7.60 -0.74 -1.30
N ASN A 31 8.02 0.49 -1.54
CA ASN A 31 9.45 0.82 -1.67
C ASN A 31 10.01 0.93 -0.26
N GLY A 32 11.33 0.84 -0.14
CA GLY A 32 11.99 0.99 1.16
C GLY A 32 11.91 2.38 1.78
N ARG A 33 11.24 3.31 1.10
CA ARG A 33 11.03 4.66 1.61
C ARG A 33 9.57 4.85 2.03
N ALA A 34 8.90 3.73 2.27
CA ALA A 34 7.51 3.67 2.73
C ALA A 34 6.56 4.28 1.70
N ILE A 35 6.97 4.21 0.45
CA ILE A 35 6.13 4.66 -0.66
C ILE A 35 5.43 3.44 -1.20
N CYS A 36 4.17 3.61 -1.53
CA CYS A 36 3.34 2.55 -2.09
C CYS A 36 3.16 2.80 -3.58
N VAL A 37 3.44 1.77 -4.38
CA VAL A 37 3.41 1.87 -5.82
C VAL A 37 2.40 0.85 -6.31
N CYS A 38 1.25 1.36 -6.71
CA CYS A 38 0.18 0.53 -7.25
C CYS A 38 0.56 0.02 -8.63
N ARG A 39 0.01 -1.14 -8.97
CA ARG A 39 0.14 -1.72 -10.30
C ARG A 39 -0.95 -1.04 -11.11
N ASN A 40 -0.98 -1.32 -12.41
CA ASN A 40 -2.06 -0.84 -13.25
C ASN A 40 -3.39 -1.35 -12.72
N ALA A 1 1.38 6.37 -3.45
CA ALA A 1 0.60 6.15 -2.19
C ALA A 1 1.56 5.84 -1.05
N THR A 2 1.05 5.56 0.14
CA THR A 2 1.88 5.30 1.32
C THR A 2 1.78 3.85 1.80
N CYS A 3 2.88 3.35 2.34
CA CYS A 3 2.96 2.01 2.92
C CYS A 3 3.08 2.12 4.46
N ASP A 4 3.03 3.35 4.95
CA ASP A 4 3.25 3.63 6.38
C ASP A 4 2.13 3.12 7.26
N LEU A 5 2.48 2.88 8.52
CA LEU A 5 1.50 2.53 9.55
C LEU A 5 1.22 3.78 10.37
N LEU A 6 1.03 4.85 9.61
CA LEU A 6 0.82 6.18 10.16
C LEU A 6 -0.63 6.30 10.61
N SER A 7 -1.48 5.61 9.90
CA SER A 7 -2.92 5.64 10.14
C SER A 7 -3.39 4.72 11.24
N GLY A 8 -2.46 4.18 12.00
CA GLY A 8 -2.84 3.14 12.91
C GLY A 8 -2.58 1.89 12.12
N THR A 9 -3.64 1.13 11.94
CA THR A 9 -3.62 -0.08 11.17
C THR A 9 -2.96 0.02 9.81
N GLY A 10 -2.55 -1.15 9.37
CA GLY A 10 -1.70 -1.28 8.19
C GLY A 10 -0.30 -1.67 8.59
N VAL A 11 -0.15 -2.05 9.86
CA VAL A 11 1.13 -2.54 10.39
C VAL A 11 1.61 -3.72 9.58
N LYS A 12 0.66 -4.56 9.19
CA LYS A 12 0.91 -5.55 8.18
C LYS A 12 0.83 -4.76 6.87
N HIS A 13 2.00 -4.49 6.29
CA HIS A 13 2.13 -3.60 5.12
C HIS A 13 1.46 -4.09 3.84
N SER A 14 0.77 -5.22 3.89
CA SER A 14 -0.07 -5.67 2.79
C SER A 14 -1.22 -4.69 2.54
N ALA A 15 -1.44 -3.82 3.50
CA ALA A 15 -2.42 -2.76 3.41
C ALA A 15 -2.18 -1.85 2.20
N CYS A 16 -0.92 -1.66 1.81
CA CYS A 16 -0.59 -0.87 0.64
C CYS A 16 -1.18 -1.50 -0.61
N ALA A 17 -1.01 -2.80 -0.71
CA ALA A 17 -1.51 -3.54 -1.86
C ALA A 17 -3.03 -3.47 -1.89
N ALA A 18 -3.62 -3.57 -0.72
CA ALA A 18 -5.07 -3.50 -0.58
C ALA A 18 -5.60 -2.12 -0.97
N HIS A 19 -4.84 -1.08 -0.64
CA HIS A 19 -5.23 0.28 -0.97
C HIS A 19 -5.33 0.46 -2.48
N CYS A 20 -4.51 -0.27 -3.21
CA CYS A 20 -4.53 -0.25 -4.66
C CYS A 20 -5.67 -1.13 -5.19
N LEU A 21 -5.85 -2.29 -4.58
CA LEU A 21 -6.92 -3.23 -4.96
C LEU A 21 -8.29 -2.55 -4.83
N LEU A 22 -8.44 -1.68 -3.83
CA LEU A 22 -9.68 -0.92 -3.62
C LEU A 22 -9.99 0.07 -4.74
N ARG A 23 -9.05 0.28 -5.65
CA ARG A 23 -9.27 1.16 -6.82
C ARG A 23 -9.43 0.35 -8.08
N GLY A 24 -9.52 -0.97 -7.93
CA GLY A 24 -9.61 -1.84 -9.09
C GLY A 24 -8.27 -2.15 -9.71
N ASN A 25 -7.18 -1.74 -9.07
CA ASN A 25 -5.84 -2.04 -9.57
C ASN A 25 -5.53 -3.48 -9.19
N ARG A 26 -4.54 -4.07 -9.85
CA ARG A 26 -4.10 -5.44 -9.57
C ARG A 26 -3.48 -5.58 -8.18
N GLY A 27 -3.08 -4.47 -7.58
CA GLY A 27 -2.50 -4.51 -6.24
C GLY A 27 -1.35 -3.54 -6.21
N GLY A 28 -0.48 -3.61 -5.22
CA GLY A 28 0.66 -2.70 -5.14
C GLY A 28 1.81 -3.32 -4.39
N TYR A 29 2.95 -2.65 -4.34
CA TYR A 29 4.10 -3.11 -3.60
C TYR A 29 4.71 -1.92 -2.88
N CYS A 30 5.51 -2.16 -1.85
CA CYS A 30 6.15 -1.07 -1.11
C CYS A 30 7.62 -0.93 -1.47
N ASN A 31 8.05 0.30 -1.63
CA ASN A 31 9.46 0.63 -1.82
C ASN A 31 10.06 0.92 -0.44
N GLY A 32 11.38 0.90 -0.35
CA GLY A 32 12.08 1.10 0.93
C GLY A 32 11.97 2.47 1.58
N ARG A 33 11.20 3.39 0.99
CA ARG A 33 10.94 4.69 1.58
C ARG A 33 9.49 4.79 2.01
N ALA A 34 8.89 3.64 2.25
CA ALA A 34 7.49 3.50 2.70
C ALA A 34 6.52 4.08 1.67
N ILE A 35 6.95 4.05 0.43
CA ILE A 35 6.10 4.49 -0.67
C ILE A 35 5.42 3.25 -1.19
N CYS A 36 4.15 3.40 -1.49
CA CYS A 36 3.33 2.33 -2.05
C CYS A 36 3.14 2.61 -3.53
N VAL A 37 3.45 1.63 -4.36
CA VAL A 37 3.40 1.77 -5.79
C VAL A 37 2.41 0.75 -6.32
N CYS A 38 1.26 1.26 -6.69
CA CYS A 38 0.20 0.45 -7.26
C CYS A 38 0.58 -0.01 -8.66
N ARG A 39 0.05 -1.17 -9.04
CA ARG A 39 0.20 -1.69 -10.39
C ARG A 39 -1.02 -1.18 -11.13
N ASN A 40 -1.11 -1.43 -12.44
CA ASN A 40 -2.27 -1.05 -13.21
C ASN A 40 -3.51 -1.70 -12.61
N ALA A 1 1.40 6.73 -3.01
CA ALA A 1 0.77 6.63 -1.66
C ALA A 1 1.81 6.20 -0.64
N THR A 2 1.40 5.92 0.60
CA THR A 2 2.35 5.48 1.63
C THR A 2 2.09 4.03 2.04
N CYS A 3 3.11 3.41 2.60
CA CYS A 3 3.07 2.04 3.11
C CYS A 3 3.10 2.07 4.65
N ASP A 4 3.15 3.28 5.20
CA ASP A 4 3.26 3.49 6.66
C ASP A 4 1.99 3.22 7.43
N LEU A 5 2.16 3.00 8.73
CA LEU A 5 1.06 2.92 9.67
C LEU A 5 0.89 4.30 10.31
N LEU A 6 0.93 5.27 9.44
CA LEU A 6 0.87 6.68 9.81
C LEU A 6 -0.57 7.06 10.09
N SER A 7 -1.47 6.43 9.35
CA SER A 7 -2.90 6.73 9.43
C SER A 7 -3.62 5.96 10.52
N GLY A 8 -2.86 5.28 11.35
CA GLY A 8 -3.42 4.39 12.34
C GLY A 8 -3.10 3.02 11.85
N THR A 9 -4.14 2.23 11.73
CA THR A 9 -4.08 0.89 11.21
C THR A 9 -3.38 0.76 9.86
N GLY A 10 -3.00 -0.47 9.60
CA GLY A 10 -2.17 -0.80 8.46
C GLY A 10 -0.79 -1.24 8.88
N VAL A 11 -0.66 -1.56 10.16
CA VAL A 11 0.60 -2.03 10.74
C VAL A 11 1.11 -3.24 9.98
N LYS A 12 0.17 -4.06 9.54
CA LYS A 12 0.44 -5.07 8.56
C LYS A 12 0.51 -4.32 7.23
N HIS A 13 1.72 -4.07 6.75
CA HIS A 13 1.96 -3.22 5.57
C HIS A 13 1.36 -3.73 4.25
N SER A 14 0.72 -4.88 4.28
CA SER A 14 -0.07 -5.37 3.15
C SER A 14 -1.22 -4.43 2.83
N ALA A 15 -1.50 -3.56 3.76
CA ALA A 15 -2.51 -2.52 3.62
C ALA A 15 -2.30 -1.66 2.37
N CYS A 16 -1.04 -1.41 2.03
CA CYS A 16 -0.74 -0.62 0.83
C CYS A 16 -1.24 -1.32 -0.43
N ALA A 17 -0.97 -2.60 -0.49
CA ALA A 17 -1.36 -3.42 -1.62
C ALA A 17 -2.88 -3.44 -1.73
N ALA A 18 -3.51 -3.56 -0.57
CA ALA A 18 -4.97 -3.58 -0.50
C ALA A 18 -5.57 -2.25 -0.91
N HIS A 19 -4.92 -1.17 -0.54
CA HIS A 19 -5.40 0.15 -0.88
C HIS A 19 -5.44 0.34 -2.39
N CYS A 20 -4.49 -0.28 -3.07
CA CYS A 20 -4.44 -0.25 -4.53
C CYS A 20 -5.48 -1.21 -5.13
N LEU A 21 -5.64 -2.37 -4.53
CA LEU A 21 -6.63 -3.35 -4.99
C LEU A 21 -8.03 -2.75 -4.95
N LEU A 22 -8.29 -1.92 -3.95
CA LEU A 22 -9.59 -1.24 -3.81
C LEU A 22 -9.88 -0.26 -4.95
N ARG A 23 -8.86 0.17 -5.66
CA ARG A 23 -9.05 1.06 -6.82
C ARG A 23 -9.28 0.24 -8.09
N GLY A 24 -9.30 -1.07 -7.96
CA GLY A 24 -9.43 -1.95 -9.10
C GLY A 24 -8.10 -2.24 -9.77
N ASN A 25 -6.99 -1.88 -9.13
CA ASN A 25 -5.65 -2.17 -9.66
C ASN A 25 -5.28 -3.60 -9.33
N ARG A 26 -4.26 -4.13 -9.99
CA ARG A 26 -3.78 -5.49 -9.71
C ARG A 26 -3.24 -5.63 -8.29
N GLY A 27 -2.94 -4.51 -7.64
CA GLY A 27 -2.40 -4.54 -6.29
C GLY A 27 -1.37 -3.45 -6.20
N GLY A 28 -0.54 -3.46 -5.17
CA GLY A 28 0.51 -2.46 -5.02
C GLY A 28 1.68 -3.07 -4.28
N TYR A 29 2.82 -2.40 -4.26
CA TYR A 29 3.98 -2.88 -3.57
C TYR A 29 4.62 -1.71 -2.84
N CYS A 30 5.46 -2.00 -1.85
CA CYS A 30 6.11 -0.96 -1.07
C CYS A 30 7.59 -0.85 -1.41
N ASN A 31 8.01 0.37 -1.68
CA ASN A 31 9.44 0.67 -1.89
C ASN A 31 10.07 0.77 -0.52
N GLY A 32 11.41 0.68 -0.47
CA GLY A 32 12.13 0.79 0.79
C GLY A 32 12.09 2.15 1.48
N ARG A 33 11.35 3.10 0.92
CA ARG A 33 11.17 4.40 1.51
C ARG A 33 9.72 4.58 1.98
N ALA A 34 9.04 3.46 2.21
CA ALA A 34 7.67 3.41 2.70
C ALA A 34 6.70 4.07 1.74
N ILE A 35 7.08 4.03 0.47
CA ILE A 35 6.21 4.54 -0.59
C ILE A 35 5.46 3.36 -1.13
N CYS A 36 4.19 3.58 -1.39
CA CYS A 36 3.30 2.56 -1.94
C CYS A 36 3.08 2.87 -3.41
N VAL A 37 3.32 1.89 -4.26
CA VAL A 37 3.24 2.05 -5.70
C VAL A 37 2.25 1.03 -6.21
N CYS A 38 1.10 1.52 -6.56
CA CYS A 38 0.04 0.71 -7.14
C CYS A 38 0.43 0.25 -8.54
N ARG A 39 -0.06 -0.90 -8.93
CA ARG A 39 0.12 -1.42 -10.28
C ARG A 39 -1.01 -0.82 -11.11
N ASN A 40 -1.05 -1.15 -12.39
CA ASN A 40 -2.17 -0.77 -13.23
C ASN A 40 -3.44 -1.44 -12.71
N ALA A 1 1.07 6.40 -3.28
CA ALA A 1 0.45 6.29 -1.93
C ALA A 1 1.51 5.95 -0.89
N THR A 2 1.12 5.64 0.34
CA THR A 2 2.10 5.28 1.38
C THR A 2 1.92 3.84 1.85
N CYS A 3 2.97 3.30 2.41
CA CYS A 3 3.01 1.94 2.96
C CYS A 3 3.07 2.05 4.50
N ASP A 4 3.06 3.27 5.00
CA ASP A 4 3.19 3.54 6.44
C ASP A 4 2.01 3.05 7.26
N LEU A 5 2.28 2.87 8.55
CA LEU A 5 1.24 2.58 9.55
C LEU A 5 1.11 3.81 10.42
N LEU A 6 1.08 4.93 9.73
CA LEU A 6 1.01 6.25 10.36
C LEU A 6 -0.38 6.45 10.95
N SER A 7 -1.34 5.84 10.30
CA SER A 7 -2.75 5.97 10.66
C SER A 7 -3.23 5.03 11.73
N GLY A 8 -2.30 4.36 12.40
CA GLY A 8 -2.72 3.30 13.28
C GLY A 8 -2.59 2.07 12.44
N THR A 9 -3.71 1.40 12.30
CA THR A 9 -3.81 0.19 11.52
C THR A 9 -3.22 0.28 10.13
N GLY A 10 -2.92 -0.91 9.63
CA GLY A 10 -2.14 -1.06 8.42
C GLY A 10 -0.71 -1.44 8.76
N VAL A 11 -0.51 -1.86 10.00
CA VAL A 11 0.79 -2.30 10.51
C VAL A 11 1.35 -3.42 9.66
N LYS A 12 0.45 -4.26 9.20
CA LYS A 12 0.77 -5.26 8.21
C LYS A 12 0.82 -4.50 6.89
N HIS A 13 2.03 -4.33 6.35
CA HIS A 13 2.25 -3.51 5.15
C HIS A 13 1.53 -3.96 3.89
N SER A 14 0.85 -5.09 3.96
CA SER A 14 -0.03 -5.56 2.89
C SER A 14 -1.17 -4.60 2.63
N ALA A 15 -1.39 -3.71 3.59
CA ALA A 15 -2.38 -2.66 3.48
C ALA A 15 -2.17 -1.77 2.25
N CYS A 16 -0.91 -1.59 1.85
CA CYS A 16 -0.60 -0.81 0.65
C CYS A 16 -1.18 -1.47 -0.58
N ALA A 17 -0.98 -2.77 -0.67
CA ALA A 17 -1.47 -3.54 -1.81
C ALA A 17 -2.98 -3.48 -1.84
N ALA A 18 -3.58 -3.58 -0.67
CA ALA A 18 -5.03 -3.52 -0.54
C ALA A 18 -5.57 -2.15 -0.94
N HIS A 19 -4.85 -1.10 -0.61
CA HIS A 19 -5.26 0.25 -0.96
C HIS A 19 -5.34 0.42 -2.47
N CYS A 20 -4.49 -0.30 -3.18
CA CYS A 20 -4.51 -0.27 -4.64
C CYS A 20 -5.62 -1.17 -5.18
N LEU A 21 -5.80 -2.34 -4.57
CA LEU A 21 -6.85 -3.28 -4.96
C LEU A 21 -8.23 -2.63 -4.86
N LEU A 22 -8.40 -1.76 -3.87
CA LEU A 22 -9.65 -1.02 -3.67
C LEU A 22 -9.96 -0.01 -4.79
N ARG A 23 -9.01 0.21 -5.69
CA ARG A 23 -9.23 1.09 -6.85
C ARG A 23 -9.41 0.27 -8.12
N GLY A 24 -9.47 -1.04 -7.97
CA GLY A 24 -9.57 -1.92 -9.13
C GLY A 24 -8.23 -2.23 -9.75
N ASN A 25 -7.15 -1.81 -9.10
CA ASN A 25 -5.81 -2.11 -9.60
C ASN A 25 -5.49 -3.55 -9.23
N ARG A 26 -4.50 -4.13 -9.90
CA ARG A 26 -4.03 -5.49 -9.62
C ARG A 26 -3.41 -5.63 -8.23
N GLY A 27 -3.04 -4.52 -7.61
CA GLY A 27 -2.48 -4.55 -6.28
C GLY A 27 -1.37 -3.53 -6.22
N GLY A 28 -0.52 -3.59 -5.21
CA GLY A 28 0.59 -2.65 -5.10
C GLY A 28 1.76 -3.26 -4.36
N TYR A 29 2.90 -2.57 -4.34
CA TYR A 29 4.07 -3.03 -3.62
C TYR A 29 4.69 -1.83 -2.92
N CYS A 30 5.51 -2.07 -1.92
CA CYS A 30 6.15 -0.98 -1.18
C CYS A 30 7.61 -0.81 -1.55
N ASN A 31 8.01 0.45 -1.72
CA ASN A 31 9.41 0.80 -1.93
C ASN A 31 10.06 0.85 -0.55
N GLY A 32 11.39 0.80 -0.52
CA GLY A 32 12.13 0.89 0.73
C GLY A 32 12.06 2.23 1.47
N ARG A 33 11.30 3.18 0.93
CA ARG A 33 11.08 4.47 1.56
C ARG A 33 9.63 4.62 1.99
N ALA A 34 8.98 3.48 2.18
CA ALA A 34 7.59 3.38 2.68
C ALA A 34 6.60 4.03 1.72
N ILE A 35 6.97 4.04 0.47
CA ILE A 35 6.08 4.54 -0.59
C ILE A 35 5.38 3.33 -1.15
N CYS A 36 4.12 3.50 -1.47
CA CYS A 36 3.29 2.43 -2.05
C CYS A 36 3.09 2.72 -3.53
N VAL A 37 3.37 1.73 -4.36
CA VAL A 37 3.32 1.86 -5.80
C VAL A 37 2.33 0.84 -6.31
N CYS A 38 1.19 1.34 -6.70
CA CYS A 38 0.13 0.51 -7.27
C CYS A 38 0.53 0.03 -8.66
N ARG A 39 0.02 -1.14 -9.03
CA ARG A 39 0.19 -1.69 -10.36
C ARG A 39 -1.01 -1.18 -11.14
N ASN A 40 -1.05 -1.47 -12.44
CA ASN A 40 -2.20 -1.10 -13.25
C ASN A 40 -3.46 -1.73 -12.66
N ALA A 1 1.52 6.80 -3.01
CA ALA A 1 0.88 6.69 -1.67
C ALA A 1 1.90 6.22 -0.65
N THR A 2 1.49 5.91 0.57
CA THR A 2 2.43 5.45 1.60
C THR A 2 2.15 4.01 2.02
N CYS A 3 3.17 3.38 2.58
CA CYS A 3 3.11 2.01 3.09
C CYS A 3 3.15 2.05 4.63
N ASP A 4 3.18 3.25 5.18
CA ASP A 4 3.30 3.46 6.63
C ASP A 4 2.04 3.15 7.42
N LEU A 5 2.23 2.93 8.71
CA LEU A 5 1.14 2.77 9.67
C LEU A 5 1.05 4.06 10.46
N LEU A 6 1.09 5.13 9.70
CA LEU A 6 1.10 6.49 10.23
C LEU A 6 -0.31 6.90 10.60
N SER A 7 -1.26 6.42 9.82
CA SER A 7 -2.67 6.76 9.98
C SER A 7 -3.41 5.92 10.99
N GLY A 8 -2.66 5.11 11.70
CA GLY A 8 -3.24 4.15 12.61
C GLY A 8 -2.95 2.80 12.01
N THR A 9 -4.02 2.05 11.82
CA THR A 9 -3.98 0.75 11.21
C THR A 9 -3.25 0.69 9.88
N GLY A 10 -2.90 -0.54 9.55
CA GLY A 10 -2.07 -0.82 8.40
C GLY A 10 -0.69 -1.31 8.82
N VAL A 11 -0.58 -1.69 10.08
CA VAL A 11 0.66 -2.20 10.66
C VAL A 11 1.18 -3.36 9.84
N LYS A 12 0.26 -4.17 9.37
CA LYS A 12 0.55 -5.17 8.37
C LYS A 12 0.63 -4.39 7.06
N HIS A 13 1.84 -4.19 6.56
CA HIS A 13 2.09 -3.35 5.37
C HIS A 13 1.43 -3.80 4.07
N SER A 14 0.76 -4.94 4.11
CA SER A 14 -0.07 -5.41 3.01
C SER A 14 -1.21 -4.45 2.72
N ALA A 15 -1.47 -3.57 3.67
CA ALA A 15 -2.46 -2.53 3.57
C ALA A 15 -2.27 -1.66 2.34
N CYS A 16 -1.03 -1.40 1.96
CA CYS A 16 -0.74 -0.61 0.77
C CYS A 16 -1.24 -1.30 -0.48
N ALA A 17 -0.98 -2.59 -0.54
CA ALA A 17 -1.38 -3.40 -1.68
C ALA A 17 -2.89 -3.42 -1.77
N ALA A 18 -3.52 -3.54 -0.61
CA ALA A 18 -4.97 -3.57 -0.52
C ALA A 18 -5.58 -2.25 -0.94
N HIS A 19 -4.93 -1.15 -0.58
CA HIS A 19 -5.41 0.16 -0.90
C HIS A 19 -5.47 0.34 -2.41
N CYS A 20 -4.53 -0.27 -3.11
CA CYS A 20 -4.50 -0.24 -4.56
C CYS A 20 -5.55 -1.20 -5.15
N LEU A 21 -5.69 -2.38 -4.55
CA LEU A 21 -6.68 -3.36 -5.00
C LEU A 21 -8.09 -2.77 -4.95
N LEU A 22 -8.35 -1.94 -3.94
CA LEU A 22 -9.66 -1.29 -3.79
C LEU A 22 -9.98 -0.32 -4.94
N ARG A 23 -8.97 0.13 -5.67
CA ARG A 23 -9.20 1.01 -6.83
C ARG A 23 -9.42 0.19 -8.10
N GLY A 24 -9.43 -1.13 -7.96
CA GLY A 24 -9.55 -2.00 -9.12
C GLY A 24 -8.21 -2.25 -9.78
N ASN A 25 -7.12 -1.91 -9.12
CA ASN A 25 -5.78 -2.18 -9.66
C ASN A 25 -5.40 -3.61 -9.30
N ARG A 26 -4.37 -4.12 -9.97
CA ARG A 26 -3.81 -5.45 -9.71
C ARG A 26 -3.24 -5.57 -8.30
N GLY A 27 -2.97 -4.45 -7.65
CA GLY A 27 -2.45 -4.46 -6.30
C GLY A 27 -1.39 -3.40 -6.19
N GLY A 28 -0.58 -3.42 -5.16
CA GLY A 28 0.50 -2.45 -5.01
C GLY A 28 1.69 -3.10 -4.33
N TYR A 29 2.82 -2.42 -4.32
CA TYR A 29 4.01 -2.89 -3.65
C TYR A 29 4.63 -1.73 -2.91
N CYS A 30 5.47 -2.03 -1.93
CA CYS A 30 6.13 -0.98 -1.15
C CYS A 30 7.60 -0.87 -1.48
N ASN A 31 8.04 0.34 -1.75
CA ASN A 31 9.45 0.64 -1.95
C ASN A 31 10.10 0.72 -0.58
N GLY A 32 11.42 0.62 -0.52
CA GLY A 32 12.16 0.70 0.74
C GLY A 32 12.13 2.03 1.46
N ARG A 33 11.40 3.01 0.91
CA ARG A 33 11.23 4.30 1.53
C ARG A 33 9.78 4.50 1.99
N ALA A 34 9.09 3.38 2.19
CA ALA A 34 7.70 3.32 2.68
C ALA A 34 6.75 4.00 1.71
N ILE A 35 7.14 3.98 0.44
CA ILE A 35 6.27 4.50 -0.60
C ILE A 35 5.50 3.34 -1.16
N CYS A 36 4.24 3.57 -1.43
CA CYS A 36 3.33 2.57 -1.97
C CYS A 36 3.11 2.89 -3.44
N VAL A 37 3.33 1.90 -4.30
CA VAL A 37 3.24 2.07 -5.73
C VAL A 37 2.26 1.02 -6.24
N CYS A 38 1.11 1.52 -6.61
CA CYS A 38 0.06 0.68 -7.19
C CYS A 38 0.48 0.20 -8.58
N ARG A 39 -0.01 -0.97 -8.96
CA ARG A 39 0.19 -1.52 -10.29
C ARG A 39 -0.95 -0.99 -11.15
N ASN A 40 -0.97 -1.38 -12.41
CA ASN A 40 -2.06 -1.04 -13.30
C ASN A 40 -3.37 -1.59 -12.75
#